data_5S9V
#
_entry.id   5S9V
#
_cell.length_a   80.030
_cell.length_b   108.790
_cell.length_c   111.930
_cell.angle_alpha   90.000
_cell.angle_beta   90.000
_cell.angle_gamma   90.000
#
_symmetry.space_group_name_H-M   'P 21 21 21'
#
loop_
_entity.id
_entity.type
_entity.pdbx_description
1 polymer 'N(1),N(8)-bis(glutathionyl)spermidine reductase'
2 non-polymer 'FLAVIN-ADENINE DINUCLEOTIDE'
3 non-polymer 'DIMETHYL SULFOXIDE'
4 non-polymer [4-(propan-2-yl)piperazin-1-yl](thiophen-2-yl)methanone
5 non-polymer 'MAGNESIUM ION'
6 non-polymer 'BROMIDE ION'
7 water water
#
_entity_poly.entity_id   1
_entity_poly.type   'polypeptide(L)'
_entity_poly.pdbx_seq_one_letter_code
;GSHMSKAFDLVVIGAGSGGLEAGWNAATLYGKRVAVVDVQTSHGPPFYAALGGTCVNVGCVPKKLMVTGAQYMDHLRESA
GFGWEFDGSSVKANWKKLIAAKNEAVLDINKSYEGMFNDTEGLDFFLGWGSLESKNVVVVRETADPKSAVKERLQADHIL
LATGSWPQMPAIPGIEHCISSNEAFYLPEPPRRVLTVGGGFISVEFAGIFNAYKPPGGKVTLCYRNNLILRGFDETIREE
VTKQLTANGIEIMTNENPAKVSLNTDGSKHVTFESGKTLDVDVVMMAIGRIPRTNDLQLGNVGVKLTPKGGVQVDEFSRT
NVPNIYAIGDITDRLMLTPVAINEGAALVDTVFGNKPRKTDHTRVASAVFSIPPIGTCGLIEEVAAKEFEKVAVYMSSFT
PLMHNISGSKYKKFVAKIVTNHSDGTVLGVHLLGDGAPEIIQAVGVCLRLNAKISDFYNTIGVHPTSAEELCSMRTPSYY
YVKGEKMEKLPDSNL
;
_entity_poly.pdbx_strand_id   A,B
#
# COMPACT_ATOMS: atom_id res chain seq x y z
N LYS A 6 -40.87 8.33 -22.11
CA LYS A 6 -40.01 8.84 -23.23
C LYS A 6 -39.39 10.20 -22.88
N ALA A 7 -39.94 10.90 -21.88
CA ALA A 7 -39.43 12.20 -21.39
C ALA A 7 -38.55 11.96 -20.16
N PHE A 8 -37.35 12.53 -20.15
CA PHE A 8 -36.36 12.38 -19.04
C PHE A 8 -35.75 13.73 -18.69
N ASP A 9 -35.55 13.97 -17.40
CA ASP A 9 -34.65 15.04 -16.90
C ASP A 9 -33.27 14.89 -17.56
N LEU A 10 -32.67 13.71 -17.46
CA LEU A 10 -31.30 13.44 -17.98
C LEU A 10 -31.30 12.18 -18.83
N VAL A 11 -30.83 12.28 -20.07
CA VAL A 11 -30.40 11.11 -20.89
C VAL A 11 -28.87 11.08 -20.99
N VAL A 12 -28.33 9.90 -20.71
CA VAL A 12 -26.87 9.60 -20.71
C VAL A 12 -26.62 8.59 -21.82
N ILE A 13 -25.73 8.93 -22.73
CA ILE A 13 -25.21 8.01 -23.77
C ILE A 13 -23.87 7.46 -23.27
N GLY A 14 -23.90 6.19 -22.88
CA GLY A 14 -22.76 5.43 -22.35
C GLY A 14 -22.97 5.10 -20.89
N ALA A 15 -23.21 3.83 -20.58
CA ALA A 15 -23.43 3.32 -19.21
C ALA A 15 -22.08 2.92 -18.62
N GLY A 16 -21.09 3.85 -18.65
CA GLY A 16 -19.72 3.58 -18.21
C GLY A 16 -19.38 4.30 -16.90
N SER A 17 -18.09 4.49 -16.64
CA SER A 17 -17.62 4.96 -15.31
C SER A 17 -18.31 6.31 -14.99
N GLY A 18 -18.20 7.28 -15.89
CA GLY A 18 -18.81 8.62 -15.77
C GLY A 18 -20.33 8.58 -15.94
N GLY A 19 -20.82 7.86 -16.95
CA GLY A 19 -22.27 7.80 -17.25
C GLY A 19 -23.08 7.27 -16.08
N LEU A 20 -22.67 6.14 -15.49
CA LEU A 20 -23.40 5.51 -14.37
C LEU A 20 -23.35 6.39 -13.11
N GLU A 21 -22.21 7.00 -12.80
CA GLU A 21 -22.07 7.85 -11.58
C GLU A 21 -23.08 8.99 -11.71
N ALA A 22 -23.14 9.66 -12.85
CA ALA A 22 -24.08 10.77 -13.12
C ALA A 22 -25.53 10.27 -13.03
N GLY A 23 -25.85 9.19 -13.75
CA GLY A 23 -27.19 8.58 -13.76
C GLY A 23 -27.72 8.24 -12.38
N TRP A 24 -26.95 7.44 -11.63
N TRP A 24 -26.95 7.45 -11.62
CA TRP A 24 -27.30 6.94 -10.27
CA TRP A 24 -27.34 6.94 -10.28
C TRP A 24 -27.43 8.10 -9.28
C TRP A 24 -27.42 8.09 -9.25
N ASN A 25 -26.52 9.07 -9.36
CA ASN A 25 -26.52 10.25 -8.44
C ASN A 25 -27.77 11.08 -8.69
N ALA A 26 -28.05 11.36 -9.95
CA ALA A 26 -29.19 12.18 -10.38
C ALA A 26 -30.48 11.54 -9.82
N ALA A 27 -30.66 10.23 -10.05
CA ALA A 27 -31.84 9.44 -9.62
C ALA A 27 -31.93 9.39 -8.09
N THR A 28 -30.88 8.95 -7.42
CA THR A 28 -30.94 8.59 -5.98
C THR A 28 -30.73 9.83 -5.09
N LEU A 29 -30.07 10.89 -5.56
CA LEU A 29 -29.75 12.07 -4.71
C LEU A 29 -30.75 13.21 -5.00
N TYR A 30 -31.32 13.27 -6.19
CA TYR A 30 -32.15 14.42 -6.65
C TYR A 30 -33.48 13.94 -7.22
N GLY A 31 -33.87 12.69 -6.88
CA GLY A 31 -35.09 12.03 -7.38
C GLY A 31 -35.38 12.46 -8.80
N LYS A 32 -34.36 12.48 -9.68
CA LYS A 32 -34.50 12.84 -11.10
C LYS A 32 -34.81 11.60 -11.95
N ARG A 33 -35.25 11.82 -13.19
CA ARG A 33 -35.69 10.75 -14.10
C ARG A 33 -34.68 10.65 -15.24
N VAL A 34 -34.01 9.50 -15.33
CA VAL A 34 -32.74 9.32 -16.09
C VAL A 34 -32.85 8.15 -17.05
N ALA A 35 -32.50 8.38 -18.31
CA ALA A 35 -32.25 7.33 -19.31
C ALA A 35 -30.74 7.11 -19.48
N VAL A 36 -30.26 5.88 -19.35
CA VAL A 36 -28.87 5.53 -19.77
C VAL A 36 -28.90 4.57 -20.97
N VAL A 37 -28.20 4.93 -22.05
CA VAL A 37 -28.04 4.13 -23.32
C VAL A 37 -26.68 3.42 -23.32
N ASP A 38 -26.66 2.12 -23.61
CA ASP A 38 -25.42 1.40 -24.02
C ASP A 38 -25.75 0.34 -25.08
N VAL A 39 -24.73 -0.04 -25.82
CA VAL A 39 -24.84 -0.92 -27.00
C VAL A 39 -24.90 -2.39 -26.54
N GLN A 40 -24.64 -2.70 -25.26
CA GLN A 40 -24.42 -4.11 -24.84
C GLN A 40 -24.61 -4.25 -23.34
N THR A 41 -25.19 -5.36 -22.87
CA THR A 41 -25.54 -5.55 -21.44
C THR A 41 -24.42 -6.28 -20.70
N SER A 42 -23.51 -6.93 -21.39
CA SER A 42 -22.42 -7.65 -20.71
C SER A 42 -21.20 -7.68 -21.62
N HIS A 43 -20.08 -8.04 -21.03
CA HIS A 43 -18.74 -7.88 -21.61
C HIS A 43 -18.57 -8.71 -22.87
N GLY A 44 -17.69 -8.23 -23.75
CA GLY A 44 -16.97 -9.03 -24.74
C GLY A 44 -17.48 -8.79 -26.16
N PRO A 45 -17.03 -9.60 -27.13
CA PRO A 45 -17.43 -9.41 -28.52
C PRO A 45 -18.94 -9.36 -28.62
N PRO A 46 -19.55 -8.61 -29.57
CA PRO A 46 -18.80 -7.81 -30.54
C PRO A 46 -18.30 -6.40 -30.19
N PHE A 47 -18.90 -5.71 -29.20
CA PHE A 47 -18.67 -4.26 -28.92
C PHE A 47 -17.76 -4.06 -27.68
N TYR A 48 -17.44 -5.13 -26.95
CA TYR A 48 -16.38 -5.23 -25.90
C TYR A 48 -16.81 -4.47 -24.65
N ALA A 49 -16.88 -3.14 -24.70
CA ALA A 49 -17.46 -2.32 -23.62
C ALA A 49 -18.96 -2.58 -23.58
N ALA A 50 -19.57 -2.40 -22.43
CA ALA A 50 -20.96 -2.79 -22.16
C ALA A 50 -21.40 -2.04 -20.92
N LEU A 51 -22.64 -2.25 -20.50
CA LEU A 51 -23.12 -1.88 -19.15
C LEU A 51 -21.92 -1.97 -18.16
N GLY A 52 -21.56 -0.87 -17.51
CA GLY A 52 -20.43 -0.77 -16.56
C GLY A 52 -19.27 0.01 -17.15
N GLY A 53 -19.12 -0.05 -18.46
CA GLY A 53 -18.17 0.74 -19.27
C GLY A 53 -16.89 0.01 -19.54
N THR A 54 -15.91 0.72 -20.09
CA THR A 54 -14.63 0.16 -20.56
C THR A 54 -13.87 -0.41 -19.38
N CYS A 55 -13.83 0.35 -18.28
CA CYS A 55 -13.03 -0.05 -17.11
C CYS A 55 -13.52 -1.42 -16.63
N VAL A 56 -14.82 -1.59 -16.45
CA VAL A 56 -15.44 -2.83 -15.90
C VAL A 56 -15.19 -4.01 -16.86
N ASN A 57 -15.44 -3.81 -18.16
CA ASN A 57 -15.57 -4.88 -19.19
C ASN A 57 -14.21 -5.23 -19.80
N VAL A 58 -13.45 -4.24 -20.24
CA VAL A 58 -12.17 -4.42 -20.98
C VAL A 58 -11.13 -3.37 -20.57
N GLY A 59 -10.96 -3.16 -19.26
CA GLY A 59 -10.05 -2.14 -18.71
C GLY A 59 -9.60 -2.43 -17.30
N CYS A 60 -9.66 -1.43 -16.43
CA CYS A 60 -8.97 -1.47 -15.11
C CYS A 60 -9.25 -2.83 -14.45
N VAL A 61 -10.52 -3.24 -14.44
CA VAL A 61 -11.00 -4.34 -13.53
C VAL A 61 -10.41 -5.66 -13.99
N PRO A 62 -10.70 -6.15 -15.23
CA PRO A 62 -10.08 -7.39 -15.71
C PRO A 62 -8.55 -7.30 -15.81
N LYS A 63 -7.99 -6.15 -16.23
CA LYS A 63 -6.52 -5.90 -16.34
C LYS A 63 -5.88 -6.19 -14.97
N LYS A 64 -6.44 -5.64 -13.91
CA LYS A 64 -5.84 -5.74 -12.56
C LYS A 64 -5.92 -7.21 -12.11
N LEU A 65 -7.03 -7.90 -12.36
CA LEU A 65 -7.11 -9.35 -12.05
C LEU A 65 -6.01 -10.11 -12.80
N MET A 66 -5.77 -9.74 -14.05
CA MET A 66 -4.79 -10.46 -14.89
C MET A 66 -3.36 -10.09 -14.49
N VAL A 67 -3.13 -8.85 -14.08
CA VAL A 67 -1.80 -8.46 -13.55
C VAL A 67 -1.59 -9.22 -12.23
N THR A 68 -2.60 -9.29 -11.35
CA THR A 68 -2.53 -10.09 -10.09
C THR A 68 -2.16 -11.54 -10.42
N GLY A 69 -2.83 -12.16 -11.40
CA GLY A 69 -2.45 -13.50 -11.89
C GLY A 69 -0.98 -13.54 -12.24
N ALA A 70 -0.52 -12.58 -13.03
CA ALA A 70 0.87 -12.52 -13.55
C ALA A 70 1.86 -12.38 -12.41
N GLN A 71 1.50 -11.68 -11.32
CA GLN A 71 2.39 -11.46 -10.17
C GLN A 71 2.80 -12.80 -9.56
N TYR A 72 1.94 -13.83 -9.63
CA TYR A 72 2.27 -15.16 -9.05
C TYR A 72 3.51 -15.73 -9.70
N MET A 73 3.83 -15.37 -10.95
CA MET A 73 5.15 -15.82 -11.49
C MET A 73 6.29 -15.38 -10.56
N ASP A 74 6.27 -14.11 -10.14
CA ASP A 74 7.32 -13.57 -9.26
C ASP A 74 7.17 -14.21 -7.87
N HIS A 75 5.97 -14.27 -7.28
CA HIS A 75 5.78 -14.83 -5.92
C HIS A 75 6.32 -16.28 -5.86
N LEU A 76 5.98 -17.13 -6.85
CA LEU A 76 6.39 -18.58 -6.85
C LEU A 76 7.91 -18.62 -6.79
N ARG A 77 8.61 -17.82 -7.63
CA ARG A 77 10.09 -17.80 -7.66
C ARG A 77 10.59 -17.21 -6.34
N GLU A 78 10.05 -16.07 -5.93
CA GLU A 78 10.55 -15.28 -4.79
C GLU A 78 10.38 -16.06 -3.48
N SER A 79 9.41 -16.98 -3.42
CA SER A 79 9.09 -17.75 -2.20
C SER A 79 10.34 -18.54 -1.76
N ALA A 80 11.23 -18.93 -2.69
CA ALA A 80 12.37 -19.84 -2.42
C ALA A 80 13.33 -19.17 -1.44
N GLY A 81 13.55 -17.86 -1.58
CA GLY A 81 14.41 -17.08 -0.68
C GLY A 81 13.92 -17.12 0.76
N PHE A 82 12.63 -17.37 0.98
CA PHE A 82 11.99 -17.41 2.33
C PHE A 82 11.83 -18.85 2.81
N GLY A 83 12.41 -19.81 2.05
CA GLY A 83 12.45 -21.23 2.42
C GLY A 83 11.33 -22.05 1.79
N TRP A 84 10.57 -21.50 0.85
CA TRP A 84 9.53 -22.33 0.20
C TRP A 84 10.17 -23.24 -0.84
N GLU A 85 9.75 -24.48 -0.84
CA GLU A 85 10.35 -25.53 -1.68
C GLU A 85 9.21 -26.20 -2.39
N PHE A 86 9.38 -26.44 -3.68
CA PHE A 86 8.43 -27.27 -4.45
C PHE A 86 9.09 -27.62 -5.77
N ASP A 87 8.41 -28.47 -6.52
CA ASP A 87 8.86 -28.92 -7.85
C ASP A 87 8.65 -27.76 -8.83
N GLY A 88 9.68 -26.94 -9.03
CA GLY A 88 9.65 -25.82 -9.98
C GLY A 88 9.34 -26.31 -11.38
N SER A 89 9.75 -27.53 -11.72
CA SER A 89 9.51 -28.17 -13.05
C SER A 89 8.01 -28.46 -13.25
N SER A 90 7.21 -28.60 -12.19
CA SER A 90 5.74 -28.85 -12.34
C SER A 90 4.95 -27.55 -12.58
N VAL A 91 5.56 -26.36 -12.54
CA VAL A 91 4.82 -25.06 -12.55
C VAL A 91 4.26 -24.81 -13.94
N LYS A 92 2.95 -24.63 -14.07
CA LYS A 92 2.33 -24.21 -15.36
C LYS A 92 1.39 -23.05 -15.05
N ALA A 93 1.31 -22.10 -15.98
CA ALA A 93 0.37 -20.96 -15.90
C ALA A 93 -0.78 -21.24 -16.87
N ASN A 94 -1.96 -21.46 -16.31
CA ASN A 94 -3.17 -21.80 -17.09
C ASN A 94 -3.95 -20.52 -17.37
N TRP A 95 -3.68 -19.96 -18.55
CA TRP A 95 -4.33 -18.75 -19.12
C TRP A 95 -5.83 -18.98 -19.24
N LYS A 96 -6.23 -20.15 -19.72
CA LYS A 96 -7.67 -20.43 -19.95
C LYS A 96 -8.44 -20.28 -18.63
N LYS A 97 -7.88 -20.81 -17.54
N LYS A 97 -7.88 -20.79 -17.52
CA LYS A 97 -8.44 -20.66 -16.16
CA LYS A 97 -8.50 -20.65 -16.18
C LYS A 97 -8.54 -19.17 -15.85
C LYS A 97 -8.53 -19.16 -15.81
N LEU A 98 -7.44 -18.42 -16.07
CA LEU A 98 -7.39 -16.97 -15.73
C LEU A 98 -8.53 -16.24 -16.45
N ILE A 99 -8.66 -16.48 -17.76
CA ILE A 99 -9.68 -15.81 -18.61
C ILE A 99 -11.08 -16.23 -18.16
N ALA A 100 -11.31 -17.51 -17.84
CA ALA A 100 -12.63 -17.96 -17.36
C ALA A 100 -12.92 -17.24 -16.04
N ALA A 101 -11.95 -17.17 -15.12
CA ALA A 101 -12.18 -16.51 -13.81
C ALA A 101 -12.46 -15.02 -14.07
N LYS A 102 -11.65 -14.35 -14.90
CA LYS A 102 -11.89 -12.93 -15.20
C LYS A 102 -13.31 -12.79 -15.79
N ASN A 103 -13.73 -13.68 -16.69
CA ASN A 103 -15.03 -13.54 -17.42
C ASN A 103 -16.18 -13.59 -16.42
N GLU A 104 -16.06 -14.51 -15.46
CA GLU A 104 -17.12 -14.72 -14.43
C GLU A 104 -17.17 -13.47 -13.54
N ALA A 105 -16.01 -12.94 -13.14
CA ALA A 105 -15.92 -11.70 -12.32
C ALA A 105 -16.59 -10.54 -13.06
N VAL A 106 -16.21 -10.32 -14.32
CA VAL A 106 -16.79 -9.18 -15.09
C VAL A 106 -18.30 -9.39 -15.25
N LEU A 107 -18.74 -10.60 -15.63
CA LEU A 107 -20.20 -10.88 -15.80
C LEU A 107 -20.97 -10.56 -14.52
N ASP A 108 -20.45 -10.93 -13.35
CA ASP A 108 -21.16 -10.65 -12.06
C ASP A 108 -21.32 -9.13 -11.91
N ILE A 109 -20.33 -8.35 -12.30
CA ILE A 109 -20.46 -6.86 -12.23
C ILE A 109 -21.50 -6.42 -13.25
N ASN A 110 -21.49 -6.99 -14.45
CA ASN A 110 -22.51 -6.62 -15.47
C ASN A 110 -23.89 -6.82 -14.84
N LYS A 111 -24.07 -7.95 -14.16
CA LYS A 111 -25.40 -8.30 -13.60
C LYS A 111 -25.69 -7.42 -12.39
N SER A 112 -24.65 -7.06 -11.63
CA SER A 112 -24.80 -6.17 -10.46
C SER A 112 -25.37 -4.83 -10.94
N TYR A 113 -24.96 -4.34 -12.12
CA TYR A 113 -25.44 -3.04 -12.67
C TYR A 113 -26.86 -3.18 -13.22
N GLU A 114 -27.17 -4.33 -13.82
CA GLU A 114 -28.56 -4.61 -14.28
C GLU A 114 -29.48 -4.49 -13.07
N GLY A 115 -29.11 -5.10 -11.93
CA GLY A 115 -29.90 -5.03 -10.69
C GLY A 115 -30.13 -3.58 -10.30
N MET A 116 -29.07 -2.77 -10.39
CA MET A 116 -29.07 -1.34 -10.01
C MET A 116 -30.18 -0.58 -10.77
N PHE A 117 -30.31 -0.82 -12.08
CA PHE A 117 -31.27 -0.12 -12.98
C PHE A 117 -32.72 -0.48 -12.65
N ASN A 118 -33.03 -1.78 -12.53
CA ASN A 118 -34.40 -2.28 -12.25
C ASN A 118 -34.80 -1.85 -10.84
N ASP A 119 -33.91 -2.04 -9.85
CA ASP A 119 -34.18 -1.71 -8.43
C ASP A 119 -34.43 -0.22 -8.16
N THR A 120 -33.91 0.66 -9.02
CA THR A 120 -33.88 2.14 -8.81
C THR A 120 -34.97 2.82 -9.66
N GLU A 121 -35.85 3.57 -9.00
CA GLU A 121 -36.97 4.29 -9.67
C GLU A 121 -36.43 5.49 -10.46
N GLY A 122 -36.90 5.63 -11.71
CA GLY A 122 -36.55 6.72 -12.64
C GLY A 122 -35.20 6.56 -13.31
N LEU A 123 -34.49 5.47 -12.99
CA LEU A 123 -33.20 5.08 -13.63
C LEU A 123 -33.49 3.95 -14.62
N ASP A 124 -33.59 4.26 -15.91
CA ASP A 124 -33.97 3.27 -16.95
C ASP A 124 -32.80 3.08 -17.93
N PHE A 125 -32.47 1.82 -18.23
CA PHE A 125 -31.46 1.42 -19.24
C PHE A 125 -32.16 1.14 -20.56
N PHE A 126 -31.59 1.67 -21.65
CA PHE A 126 -31.98 1.42 -23.06
C PHE A 126 -30.78 0.82 -23.78
N LEU A 127 -31.00 -0.34 -24.42
CA LEU A 127 -30.01 -1.08 -25.23
C LEU A 127 -30.03 -0.52 -26.64
N GLY A 128 -28.86 -0.22 -27.18
CA GLY A 128 -28.72 0.29 -28.55
C GLY A 128 -27.80 1.47 -28.61
N TRP A 129 -27.75 2.09 -29.78
CA TRP A 129 -26.79 3.16 -30.16
C TRP A 129 -27.47 4.53 -30.00
N GLY A 130 -26.98 5.30 -29.02
CA GLY A 130 -27.35 6.70 -28.83
C GLY A 130 -26.68 7.58 -29.87
N SER A 131 -27.44 8.51 -30.43
CA SER A 131 -26.97 9.66 -31.24
C SER A 131 -27.89 10.86 -30.95
N LEU A 132 -27.46 12.07 -31.30
CA LEU A 132 -28.27 13.30 -31.10
C LEU A 132 -29.13 13.54 -32.36
N GLU A 133 -30.44 13.48 -32.20
CA GLU A 133 -31.39 13.95 -33.24
C GLU A 133 -31.37 15.49 -33.22
N SER A 134 -31.56 16.06 -32.03
CA SER A 134 -31.69 17.50 -31.77
C SER A 134 -31.32 17.85 -30.32
N LYS A 135 -31.21 19.16 -30.04
CA LYS A 135 -30.85 19.76 -28.72
C LYS A 135 -31.41 18.95 -27.55
N ASN A 136 -32.60 18.36 -27.70
CA ASN A 136 -33.35 17.77 -26.55
C ASN A 136 -33.91 16.39 -26.89
N VAL A 137 -33.46 15.76 -27.97
CA VAL A 137 -33.90 14.38 -28.34
C VAL A 137 -32.68 13.51 -28.67
N VAL A 138 -32.53 12.43 -27.91
CA VAL A 138 -31.57 11.35 -28.23
C VAL A 138 -32.35 10.25 -28.92
N VAL A 139 -31.83 9.72 -30.02
CA VAL A 139 -32.45 8.55 -30.69
C VAL A 139 -31.58 7.32 -30.41
N VAL A 140 -32.20 6.22 -30.00
CA VAL A 140 -31.53 4.90 -29.84
C VAL A 140 -31.84 4.07 -31.08
N ARG A 141 -30.81 3.72 -31.85
CA ARG A 141 -30.92 2.86 -33.06
C ARG A 141 -30.41 1.45 -32.73
N GLU A 142 -30.58 0.52 -33.69
CA GLU A 142 -30.21 -0.91 -33.52
C GLU A 142 -28.72 -1.08 -33.81
N THR A 143 -28.15 -0.29 -34.71
CA THR A 143 -26.69 -0.33 -35.00
C THR A 143 -26.11 1.08 -34.97
N ALA A 144 -24.79 1.16 -35.13
CA ALA A 144 -23.99 2.40 -35.21
C ALA A 144 -24.25 3.09 -36.54
N ASP A 145 -24.90 2.40 -37.49
CA ASP A 145 -25.41 3.03 -38.73
C ASP A 145 -26.54 4.00 -38.35
N PRO A 146 -26.44 5.30 -38.71
CA PRO A 146 -27.54 6.24 -38.48
C PRO A 146 -28.82 5.91 -39.25
N LYS A 147 -28.76 4.98 -40.20
CA LYS A 147 -29.88 4.56 -41.08
C LYS A 147 -30.66 3.39 -40.47
N SER A 148 -30.19 2.77 -39.38
CA SER A 148 -30.81 1.57 -38.79
C SER A 148 -32.08 1.97 -38.02
N ALA A 149 -32.86 1.00 -37.58
CA ALA A 149 -34.19 1.18 -36.94
C ALA A 149 -34.09 1.94 -35.62
N VAL A 150 -34.85 3.01 -35.47
CA VAL A 150 -35.11 3.66 -34.15
C VAL A 150 -35.79 2.65 -33.22
N LYS A 151 -35.12 2.22 -32.15
CA LYS A 151 -35.76 1.48 -31.06
C LYS A 151 -36.52 2.47 -30.18
N GLU A 152 -35.97 3.69 -29.99
CA GLU A 152 -36.52 4.67 -29.03
C GLU A 152 -36.11 6.11 -29.40
N ARG A 153 -36.97 7.03 -28.97
CA ARG A 153 -36.83 8.51 -29.07
C ARG A 153 -36.98 9.04 -27.64
N LEU A 154 -35.92 9.66 -27.11
CA LEU A 154 -35.86 10.09 -25.69
C LEU A 154 -35.83 11.62 -25.65
N GLN A 155 -36.80 12.22 -24.95
CA GLN A 155 -36.87 13.66 -24.64
C GLN A 155 -35.99 13.90 -23.41
N ALA A 156 -35.12 14.90 -23.51
CA ALA A 156 -34.04 15.17 -22.53
C ALA A 156 -34.01 16.66 -22.21
N ASP A 157 -34.31 17.03 -20.96
CA ASP A 157 -34.04 18.40 -20.41
C ASP A 157 -32.53 18.62 -20.39
N HIS A 158 -31.75 17.54 -20.27
CA HIS A 158 -30.26 17.53 -20.23
C HIS A 158 -29.69 16.27 -20.87
N ILE A 159 -28.68 16.41 -21.74
CA ILE A 159 -27.98 15.27 -22.40
C ILE A 159 -26.53 15.15 -21.90
N LEU A 160 -26.13 13.96 -21.44
CA LEU A 160 -24.71 13.65 -21.07
C LEU A 160 -24.11 12.66 -22.08
N LEU A 161 -23.08 13.12 -22.79
CA LEU A 161 -22.17 12.33 -23.65
C LEU A 161 -21.04 11.73 -22.78
N ALA A 162 -21.02 10.40 -22.70
CA ALA A 162 -20.10 9.62 -21.84
C ALA A 162 -19.77 8.32 -22.55
N THR A 163 -19.36 8.41 -23.81
CA THR A 163 -19.24 7.25 -24.71
C THR A 163 -17.82 6.71 -24.67
N GLY A 164 -16.96 7.36 -23.86
CA GLY A 164 -15.55 6.98 -23.63
C GLY A 164 -14.70 7.02 -24.89
N SER A 165 -13.78 6.05 -25.01
CA SER A 165 -12.71 6.01 -26.03
C SER A 165 -12.65 4.61 -26.66
N TRP A 166 -11.65 4.39 -27.49
CA TRP A 166 -11.57 3.18 -28.34
C TRP A 166 -10.15 3.08 -28.85
N PRO A 167 -9.59 1.87 -28.99
CA PRO A 167 -8.19 1.75 -29.37
C PRO A 167 -7.97 2.38 -30.75
N GLN A 168 -6.85 3.07 -30.93
CA GLN A 168 -6.40 3.53 -32.25
C GLN A 168 -5.52 2.45 -32.90
N MET A 169 -5.83 2.07 -34.13
CA MET A 169 -5.05 1.04 -34.87
C MET A 169 -4.31 1.72 -36.01
N PRO A 170 -2.97 1.74 -36.03
CA PRO A 170 -2.24 2.45 -37.06
C PRO A 170 -2.57 1.82 -38.43
N ALA A 171 -2.74 2.66 -39.46
CA ALA A 171 -3.30 2.27 -40.76
C ALA A 171 -2.15 1.72 -41.61
N ILE A 172 -1.50 0.66 -41.12
CA ILE A 172 -0.35 0.00 -41.79
C ILE A 172 -0.86 -1.23 -42.51
N PRO A 173 -0.16 -1.68 -43.57
CA PRO A 173 -0.52 -2.94 -44.24
C PRO A 173 -0.42 -4.10 -43.24
N GLY A 174 -1.50 -4.87 -43.13
CA GLY A 174 -1.62 -6.07 -42.27
C GLY A 174 -2.09 -5.74 -40.85
N ILE A 175 -2.63 -4.53 -40.64
CA ILE A 175 -3.21 -4.12 -39.33
C ILE A 175 -4.30 -5.12 -38.95
N GLU A 176 -4.93 -5.75 -39.95
CA GLU A 176 -6.05 -6.69 -39.70
C GLU A 176 -5.53 -7.98 -39.04
N HIS A 177 -4.21 -8.22 -38.99
CA HIS A 177 -3.59 -9.38 -38.32
C HIS A 177 -3.31 -9.05 -36.84
N CYS A 178 -3.52 -7.79 -36.47
CA CYS A 178 -3.19 -7.22 -35.14
C CYS A 178 -4.45 -7.18 -34.26
N ILE A 179 -4.27 -7.13 -32.95
CA ILE A 179 -5.39 -6.95 -32.00
C ILE A 179 -5.15 -5.66 -31.22
N SER A 180 -6.17 -5.23 -30.48
CA SER A 180 -6.07 -4.22 -29.41
C SER A 180 -6.19 -4.94 -28.06
N SER A 181 -6.20 -4.14 -27.00
CA SER A 181 -6.46 -4.59 -25.62
C SER A 181 -7.81 -5.31 -25.62
N ASN A 182 -8.77 -4.91 -26.46
CA ASN A 182 -10.13 -5.50 -26.50
C ASN A 182 -10.05 -7.02 -26.68
N GLU A 183 -9.34 -7.45 -27.72
CA GLU A 183 -9.22 -8.87 -28.10
C GLU A 183 -8.28 -9.56 -27.14
N ALA A 184 -7.31 -8.82 -26.57
CA ALA A 184 -6.31 -9.40 -25.67
C ALA A 184 -7.03 -10.10 -24.52
N PHE A 185 -8.13 -9.52 -24.03
CA PHE A 185 -8.92 -10.07 -22.90
C PHE A 185 -9.58 -11.40 -23.25
N TYR A 186 -9.63 -11.77 -24.53
CA TYR A 186 -10.39 -12.99 -24.93
C TYR A 186 -9.48 -13.95 -25.69
N LEU A 187 -8.17 -13.76 -25.71
CA LEU A 187 -7.32 -14.72 -26.42
C LEU A 187 -7.64 -16.12 -25.89
N PRO A 188 -7.94 -17.10 -26.77
CA PRO A 188 -8.24 -18.46 -26.31
C PRO A 188 -7.03 -19.18 -25.71
N GLU A 189 -5.82 -18.78 -26.09
CA GLU A 189 -4.53 -19.38 -25.66
C GLU A 189 -3.52 -18.27 -25.40
N PRO A 190 -2.55 -18.46 -24.48
CA PRO A 190 -1.56 -17.44 -24.20
C PRO A 190 -0.53 -17.46 -25.32
N PRO A 191 -0.18 -16.31 -25.93
CA PRO A 191 0.81 -16.31 -27.00
C PRO A 191 2.17 -16.75 -26.46
N ARG A 192 2.89 -17.55 -27.26
CA ARG A 192 4.30 -17.90 -26.99
C ARG A 192 5.17 -16.68 -27.26
N ARG A 193 4.93 -16.01 -28.39
CA ARG A 193 5.68 -14.79 -28.74
C ARG A 193 4.67 -13.66 -28.96
N VAL A 194 4.94 -12.50 -28.38
CA VAL A 194 3.97 -11.37 -28.55
C VAL A 194 4.76 -10.07 -28.63
N LEU A 195 4.27 -9.22 -29.52
CA LEU A 195 4.75 -7.84 -29.67
C LEU A 195 3.64 -6.96 -29.14
N THR A 196 3.90 -6.28 -28.02
CA THR A 196 3.01 -5.20 -27.57
C THR A 196 3.58 -3.92 -28.16
N VAL A 197 2.74 -3.19 -28.88
CA VAL A 197 3.16 -1.96 -29.59
C VAL A 197 2.65 -0.77 -28.77
N GLY A 198 3.57 0.05 -28.31
CA GLY A 198 3.25 1.24 -27.53
C GLY A 198 4.10 1.29 -26.28
N GLY A 199 4.30 2.49 -25.74
CA GLY A 199 5.14 2.74 -24.57
C GLY A 199 4.32 3.23 -23.39
N GLY A 200 3.00 3.21 -23.51
CA GLY A 200 2.09 3.66 -22.45
C GLY A 200 1.72 2.51 -21.53
N PHE A 201 0.86 2.80 -20.57
CA PHE A 201 0.55 1.92 -19.43
C PHE A 201 -0.05 0.62 -19.99
N ILE A 202 -0.86 0.67 -21.05
CA ILE A 202 -1.63 -0.55 -21.50
C ILE A 202 -0.65 -1.55 -22.12
N SER A 203 0.29 -1.09 -22.95
CA SER A 203 1.35 -1.93 -23.56
C SER A 203 2.21 -2.55 -22.44
N VAL A 204 2.61 -1.72 -21.47
CA VAL A 204 3.49 -2.12 -20.34
C VAL A 204 2.77 -3.15 -19.46
N GLU A 205 1.51 -2.91 -19.13
CA GLU A 205 0.74 -3.82 -18.24
C GLU A 205 0.58 -5.16 -18.96
N PHE A 206 0.26 -5.13 -20.25
CA PHE A 206 0.01 -6.36 -21.03
C PHE A 206 1.32 -7.11 -21.24
N ALA A 207 2.45 -6.41 -21.45
CA ALA A 207 3.73 -7.09 -21.59
C ALA A 207 3.96 -7.94 -20.32
N GLY A 208 3.61 -7.38 -19.16
CA GLY A 208 3.80 -8.08 -17.89
C GLY A 208 2.88 -9.29 -17.80
N ILE A 209 1.62 -9.14 -18.19
CA ILE A 209 0.63 -10.24 -18.16
C ILE A 209 1.16 -11.36 -19.07
N PHE A 210 1.43 -11.05 -20.35
CA PHE A 210 1.80 -12.07 -21.34
C PHE A 210 3.09 -12.75 -20.91
N ASN A 211 3.95 -12.00 -20.23
CA ASN A 211 5.28 -12.49 -19.80
C ASN A 211 5.10 -13.60 -18.78
N ALA A 212 4.08 -13.50 -17.92
CA ALA A 212 3.87 -14.47 -16.83
C ALA A 212 3.21 -15.74 -17.39
N TYR A 213 2.32 -15.60 -18.37
CA TYR A 213 1.43 -16.68 -18.85
C TYR A 213 1.99 -17.33 -20.13
N LYS A 214 3.12 -16.88 -20.67
CA LYS A 214 3.66 -17.44 -21.95
C LYS A 214 4.01 -18.92 -21.76
N PRO A 215 3.73 -19.79 -22.76
CA PRO A 215 4.18 -21.18 -22.71
C PRO A 215 5.70 -21.27 -22.80
N PRO A 216 6.31 -22.45 -22.57
CA PRO A 216 7.77 -22.56 -22.54
C PRO A 216 8.37 -22.07 -23.87
N GLY A 217 9.60 -21.54 -23.83
CA GLY A 217 10.26 -20.93 -25.00
C GLY A 217 9.50 -19.74 -25.52
N GLY A 218 8.84 -19.01 -24.63
CA GLY A 218 8.03 -17.82 -24.95
C GLY A 218 8.89 -16.57 -24.91
N LYS A 219 8.42 -15.49 -25.51
CA LYS A 219 9.17 -14.22 -25.55
C LYS A 219 8.19 -13.06 -25.72
N VAL A 220 8.20 -12.14 -24.77
CA VAL A 220 7.42 -10.89 -24.86
C VAL A 220 8.35 -9.79 -25.35
N THR A 221 7.99 -9.13 -26.44
CA THR A 221 8.69 -7.94 -26.97
C THR A 221 7.73 -6.76 -26.89
N LEU A 222 8.20 -5.68 -26.32
CA LEU A 222 7.43 -4.41 -26.31
C LEU A 222 8.22 -3.46 -27.21
N CYS A 223 7.60 -2.90 -28.24
CA CYS A 223 8.27 -1.84 -29.05
C CYS A 223 7.64 -0.48 -28.75
N TYR A 224 8.46 0.56 -28.78
CA TYR A 224 8.01 1.95 -28.62
C TYR A 224 8.76 2.82 -29.64
N ARG A 225 8.03 3.71 -30.31
CA ARG A 225 8.57 4.46 -31.47
C ARG A 225 9.64 5.45 -31.00
N ASN A 226 9.64 5.87 -29.73
CA ASN A 226 10.64 6.85 -29.25
C ASN A 226 11.61 6.17 -28.29
N ASN A 227 12.37 6.97 -27.54
CA ASN A 227 13.64 6.54 -26.90
C ASN A 227 13.40 5.80 -25.58
N LEU A 228 12.29 6.08 -24.88
CA LEU A 228 12.06 5.69 -23.46
C LEU A 228 10.56 5.61 -23.21
N ILE A 229 10.10 4.45 -22.72
CA ILE A 229 8.64 4.17 -22.51
C ILE A 229 8.10 5.13 -21.45
N LEU A 230 6.77 5.21 -21.36
CA LEU A 230 6.02 5.85 -20.24
C LEU A 230 6.33 7.34 -20.18
N ARG A 231 6.25 7.99 -21.35
CA ARG A 231 6.21 9.45 -21.45
C ARG A 231 5.17 9.94 -20.46
N GLY A 232 5.51 10.99 -19.70
CA GLY A 232 4.62 11.72 -18.78
C GLY A 232 4.83 11.27 -17.35
N PHE A 233 5.49 10.13 -17.16
CA PHE A 233 5.92 9.60 -15.83
C PHE A 233 7.30 10.17 -15.50
N ASP A 234 7.67 10.06 -14.24
CA ASP A 234 8.99 10.48 -13.70
C ASP A 234 10.12 9.78 -14.48
N GLU A 235 11.17 10.52 -14.83
CA GLU A 235 12.21 9.96 -15.73
C GLU A 235 12.93 8.79 -15.05
N THR A 236 13.26 8.93 -13.78
CA THR A 236 13.96 7.88 -13.01
C THR A 236 13.11 6.61 -13.07
N ILE A 237 11.80 6.75 -12.83
CA ILE A 237 10.86 5.60 -12.83
C ILE A 237 10.80 4.99 -14.24
N ARG A 238 10.78 5.80 -15.30
CA ARG A 238 10.72 5.29 -16.69
C ARG A 238 11.95 4.41 -16.97
N GLU A 239 13.13 4.89 -16.62
CA GLU A 239 14.39 4.11 -16.81
C GLU A 239 14.31 2.84 -15.95
N GLU A 240 13.86 2.98 -14.71
CA GLU A 240 13.85 1.84 -13.77
C GLU A 240 12.90 0.74 -14.22
N VAL A 241 11.66 1.10 -14.61
N VAL A 241 11.67 1.10 -14.61
CA VAL A 241 10.65 0.11 -15.08
CA VAL A 241 10.66 0.09 -15.07
C VAL A 241 11.26 -0.61 -16.28
C VAL A 241 11.24 -0.62 -16.30
N THR A 242 11.91 0.13 -17.18
CA THR A 242 12.60 -0.42 -18.39
C THR A 242 13.57 -1.53 -17.95
N LYS A 243 14.40 -1.26 -16.94
CA LYS A 243 15.39 -2.25 -16.43
C LYS A 243 14.64 -3.45 -15.83
N GLN A 244 13.59 -3.19 -15.05
CA GLN A 244 12.96 -4.24 -14.20
C GLN A 244 12.14 -5.16 -15.10
N LEU A 245 11.54 -4.60 -16.14
CA LEU A 245 10.84 -5.39 -17.19
C LEU A 245 11.89 -6.22 -17.93
N THR A 246 13.03 -5.60 -18.28
CA THR A 246 14.13 -6.31 -18.98
C THR A 246 14.62 -7.43 -18.08
N ALA A 247 14.80 -7.13 -16.81
CA ALA A 247 15.31 -8.09 -15.80
C ALA A 247 14.41 -9.33 -15.75
N ASN A 248 13.13 -9.19 -16.06
CA ASN A 248 12.13 -10.28 -15.92
C ASN A 248 11.84 -10.91 -17.29
N GLY A 249 12.65 -10.61 -18.31
CA GLY A 249 12.73 -11.35 -19.59
C GLY A 249 11.93 -10.68 -20.71
N ILE A 250 11.41 -9.49 -20.47
CA ILE A 250 10.69 -8.73 -21.52
C ILE A 250 11.77 -7.99 -22.33
N GLU A 251 11.71 -8.09 -23.66
CA GLU A 251 12.64 -7.38 -24.58
C GLU A 251 11.99 -6.04 -24.94
N ILE A 252 12.66 -4.93 -24.63
CA ILE A 252 12.16 -3.55 -24.90
C ILE A 252 12.88 -3.03 -26.14
N MET A 253 12.15 -2.88 -27.26
CA MET A 253 12.65 -2.29 -28.53
C MET A 253 12.20 -0.83 -28.57
N THR A 254 13.07 0.10 -28.26
CA THR A 254 12.80 1.56 -28.35
C THR A 254 13.32 2.08 -29.70
N ASN A 255 12.84 3.25 -30.10
CA ASN A 255 13.05 3.85 -31.45
C ASN A 255 12.66 2.83 -32.54
N GLU A 256 11.63 2.02 -32.31
CA GLU A 256 11.16 1.00 -33.29
C GLU A 256 9.64 1.04 -33.42
N ASN A 257 9.15 0.78 -34.62
CA ASN A 257 7.71 0.93 -34.92
C ASN A 257 7.36 0.06 -36.12
N PRO A 258 6.35 -0.84 -36.02
CA PRO A 258 5.94 -1.66 -37.14
C PRO A 258 5.58 -0.82 -38.38
N ALA A 259 6.10 -1.21 -39.55
CA ALA A 259 5.74 -0.62 -40.85
C ALA A 259 4.70 -1.53 -41.50
N LYS A 260 4.80 -2.84 -41.27
CA LYS A 260 3.74 -3.75 -41.74
C LYS A 260 3.82 -5.09 -41.04
N VAL A 261 2.76 -5.85 -41.22
CA VAL A 261 2.56 -7.23 -40.72
C VAL A 261 2.02 -8.06 -41.85
N SER A 262 2.57 -9.27 -42.03
CA SER A 262 2.02 -10.32 -42.93
C SER A 262 1.84 -11.60 -42.15
N LEU A 263 0.83 -12.41 -42.50
CA LEU A 263 0.70 -13.79 -41.98
C LEU A 263 1.76 -14.67 -42.64
N ASN A 264 2.56 -15.36 -41.83
CA ASN A 264 3.31 -16.59 -42.20
C ASN A 264 2.29 -17.72 -42.46
N THR A 265 2.71 -18.75 -43.18
CA THR A 265 1.84 -19.88 -43.61
C THR A 265 1.34 -20.65 -42.37
N ASP A 266 2.06 -20.61 -41.22
CA ASP A 266 1.65 -21.30 -39.96
C ASP A 266 0.69 -20.45 -39.10
N GLY A 267 0.24 -19.28 -39.58
CA GLY A 267 -0.74 -18.41 -38.88
C GLY A 267 -0.06 -17.35 -38.03
N SER A 268 1.27 -17.46 -37.86
CA SER A 268 2.08 -16.50 -37.05
C SER A 268 2.24 -15.20 -37.84
N LYS A 269 2.78 -14.16 -37.20
CA LYS A 269 2.82 -12.79 -37.74
C LYS A 269 4.27 -12.41 -38.03
N HIS A 270 4.51 -12.00 -39.27
CA HIS A 270 5.81 -11.47 -39.70
C HIS A 270 5.69 -9.95 -39.64
N VAL A 271 6.30 -9.36 -38.61
CA VAL A 271 6.31 -7.90 -38.38
C VAL A 271 7.55 -7.33 -39.06
N THR A 272 7.38 -6.35 -39.94
CA THR A 272 8.51 -5.57 -40.47
C THR A 272 8.50 -4.18 -39.83
N PHE A 273 9.59 -3.81 -39.18
CA PHE A 273 9.73 -2.48 -38.56
C PHE A 273 10.14 -1.47 -39.63
N GLU A 274 9.90 -0.18 -39.36
CA GLU A 274 10.37 0.99 -40.16
C GLU A 274 11.89 0.92 -40.33
N SER A 275 12.60 0.44 -39.31
CA SER A 275 14.08 0.29 -39.31
C SER A 275 14.52 -0.85 -40.25
N GLY A 276 13.58 -1.64 -40.76
CA GLY A 276 13.88 -2.79 -41.63
C GLY A 276 14.06 -4.07 -40.83
N LYS A 277 14.12 -4.00 -39.50
CA LYS A 277 14.15 -5.21 -38.65
C LYS A 277 12.85 -6.01 -38.84
N THR A 278 12.92 -7.30 -38.58
CA THR A 278 11.73 -8.18 -38.58
C THR A 278 11.67 -8.97 -37.28
N LEU A 279 10.49 -9.49 -36.99
CA LEU A 279 10.23 -10.31 -35.79
C LEU A 279 9.02 -11.18 -36.13
N ASP A 280 9.10 -12.46 -35.78
CA ASP A 280 7.96 -13.39 -35.85
C ASP A 280 7.35 -13.51 -34.46
N VAL A 281 6.04 -13.32 -34.35
CA VAL A 281 5.31 -13.41 -33.06
C VAL A 281 3.98 -14.06 -33.34
N ASP A 282 3.32 -14.52 -32.29
CA ASP A 282 2.01 -15.18 -32.44
C ASP A 282 0.91 -14.15 -32.33
N VAL A 283 1.15 -13.07 -31.57
CA VAL A 283 0.20 -11.95 -31.38
C VAL A 283 0.93 -10.61 -31.49
N VAL A 284 0.30 -9.67 -32.22
CA VAL A 284 0.68 -8.24 -32.28
C VAL A 284 -0.43 -7.45 -31.60
N MET A 285 -0.16 -6.95 -30.40
CA MET A 285 -1.18 -6.15 -29.68
C MET A 285 -0.81 -4.70 -29.82
N MET A 286 -1.72 -3.92 -30.42
CA MET A 286 -1.50 -2.48 -30.64
C MET A 286 -2.08 -1.74 -29.44
N ALA A 287 -1.26 -0.91 -28.81
CA ALA A 287 -1.63 -0.09 -27.63
C ALA A 287 -0.95 1.27 -27.76
N ILE A 288 -1.19 1.94 -28.88
CA ILE A 288 -0.46 3.18 -29.27
C ILE A 288 -1.30 4.40 -28.90
N GLY A 289 -2.55 4.21 -28.46
CA GLY A 289 -3.39 5.33 -28.04
C GLY A 289 -4.84 4.95 -28.09
N ARG A 290 -5.66 5.72 -27.39
CA ARG A 290 -7.14 5.60 -27.43
C ARG A 290 -7.71 6.95 -27.88
N ILE A 291 -8.83 6.93 -28.58
CA ILE A 291 -9.40 8.15 -29.19
C ILE A 291 -10.88 8.22 -28.79
N PRO A 292 -11.37 9.45 -28.59
CA PRO A 292 -12.74 9.66 -28.15
C PRO A 292 -13.75 9.07 -29.17
N ARG A 293 -14.83 8.50 -28.65
CA ARG A 293 -15.91 7.85 -29.43
C ARG A 293 -17.01 8.87 -29.70
N THR A 294 -16.80 9.73 -30.70
CA THR A 294 -17.68 10.87 -31.04
C THR A 294 -18.43 10.64 -32.37
N ASN A 295 -17.81 9.95 -33.33
CA ASN A 295 -18.41 9.56 -34.63
C ASN A 295 -19.89 9.22 -34.51
N ASP A 296 -20.18 8.16 -33.74
CA ASP A 296 -21.48 7.46 -33.81
C ASP A 296 -22.54 8.32 -33.16
N LEU A 297 -22.17 9.44 -32.54
CA LEU A 297 -23.13 10.31 -31.79
C LEU A 297 -23.84 11.28 -32.75
N GLN A 298 -23.28 11.47 -33.96
CA GLN A 298 -23.82 12.36 -35.01
C GLN A 298 -23.87 13.78 -34.45
N LEU A 299 -22.73 14.33 -34.06
CA LEU A 299 -22.69 15.61 -33.31
C LEU A 299 -22.90 16.78 -34.29
N GLY A 300 -22.65 16.56 -35.59
CA GLY A 300 -22.98 17.47 -36.69
C GLY A 300 -24.43 17.92 -36.66
N ASN A 301 -25.35 17.03 -36.25
CA ASN A 301 -26.81 17.27 -36.16
C ASN A 301 -27.18 18.40 -35.19
N VAL A 302 -26.35 18.69 -34.18
CA VAL A 302 -26.67 19.77 -33.18
C VAL A 302 -25.49 20.74 -33.03
N GLY A 303 -24.40 20.53 -33.77
CA GLY A 303 -23.19 21.37 -33.76
C GLY A 303 -22.54 21.41 -32.39
N VAL A 304 -22.29 20.25 -31.77
CA VAL A 304 -21.44 20.17 -30.55
C VAL A 304 -20.00 20.32 -31.03
N LYS A 305 -19.22 21.24 -30.44
CA LYS A 305 -17.86 21.54 -30.92
C LYS A 305 -16.87 20.47 -30.40
N LEU A 306 -16.06 19.93 -31.31
CA LEU A 306 -14.98 18.95 -31.03
C LEU A 306 -13.64 19.67 -31.08
N THR A 307 -12.62 19.12 -30.41
CA THR A 307 -11.26 19.70 -30.32
C THR A 307 -10.44 19.25 -31.53
N PRO A 308 -9.32 19.95 -31.83
CA PRO A 308 -8.41 19.51 -32.88
C PRO A 308 -8.27 17.99 -32.91
N LYS A 309 -8.15 17.36 -31.74
CA LYS A 309 -7.77 15.92 -31.58
C LYS A 309 -8.99 15.01 -31.62
N GLY A 310 -10.20 15.58 -31.59
CA GLY A 310 -11.46 14.84 -31.83
C GLY A 310 -12.32 14.70 -30.58
N GLY A 311 -11.83 15.16 -29.42
CA GLY A 311 -12.56 15.11 -28.15
C GLY A 311 -13.59 16.22 -28.04
N VAL A 312 -14.72 15.97 -27.40
CA VAL A 312 -15.79 16.97 -27.17
C VAL A 312 -15.21 18.11 -26.32
N GLN A 313 -15.26 19.34 -26.83
CA GLN A 313 -14.79 20.54 -26.09
C GLN A 313 -15.76 20.76 -24.95
N VAL A 314 -15.24 20.99 -23.75
CA VAL A 314 -16.05 21.27 -22.53
C VAL A 314 -15.41 22.45 -21.80
N ASP A 315 -16.20 23.15 -21.00
CA ASP A 315 -15.69 24.11 -20.00
C ASP A 315 -15.41 23.32 -18.73
N GLU A 316 -15.04 24.03 -17.66
CA GLU A 316 -14.65 23.42 -16.35
C GLU A 316 -15.83 22.67 -15.74
N PHE A 317 -17.06 22.96 -16.21
CA PHE A 317 -18.33 22.40 -15.66
C PHE A 317 -18.84 21.28 -16.58
N SER A 318 -18.01 20.83 -17.52
CA SER A 318 -18.29 19.69 -18.44
C SER A 318 -19.37 20.12 -19.43
N ARG A 319 -19.59 21.42 -19.61
CA ARG A 319 -20.60 21.96 -20.56
C ARG A 319 -19.98 22.08 -21.95
N THR A 320 -20.70 21.56 -22.95
CA THR A 320 -20.47 21.79 -24.40
C THR A 320 -20.88 23.22 -24.74
N ASN A 321 -20.61 23.65 -25.97
CA ASN A 321 -21.11 24.93 -26.55
C ASN A 321 -22.64 24.91 -26.64
N VAL A 322 -23.30 23.76 -26.53
CA VAL A 322 -24.77 23.61 -26.69
C VAL A 322 -25.39 23.47 -25.31
N PRO A 323 -26.19 24.45 -24.81
CA PRO A 323 -26.80 24.35 -23.48
C PRO A 323 -27.57 23.03 -23.30
N ASN A 324 -27.66 22.50 -22.08
CA ASN A 324 -28.37 21.22 -21.75
C ASN A 324 -27.53 19.99 -22.15
N ILE A 325 -26.48 20.15 -22.98
CA ILE A 325 -25.60 19.04 -23.47
C ILE A 325 -24.23 19.12 -22.78
N TYR A 326 -23.87 18.09 -22.01
CA TYR A 326 -22.58 17.95 -21.27
C TYR A 326 -21.80 16.75 -21.77
N ALA A 327 -20.51 16.68 -21.43
CA ALA A 327 -19.56 15.62 -21.82
C ALA A 327 -18.53 15.40 -20.69
N ILE A 328 -18.43 14.15 -20.20
CA ILE A 328 -17.44 13.76 -19.16
C ILE A 328 -16.63 12.56 -19.65
N GLY A 329 -15.53 12.26 -18.95
CA GLY A 329 -14.72 11.06 -19.19
C GLY A 329 -13.92 11.15 -20.46
N ASP A 330 -13.61 10.00 -21.05
CA ASP A 330 -12.57 9.83 -22.10
C ASP A 330 -13.00 10.57 -23.36
N ILE A 331 -14.29 10.77 -23.61
CA ILE A 331 -14.75 11.52 -24.82
C ILE A 331 -14.17 12.93 -24.80
N THR A 332 -13.81 13.47 -23.64
CA THR A 332 -13.22 14.85 -23.55
C THR A 332 -11.72 14.80 -23.87
N ASP A 333 -11.12 13.62 -24.01
CA ASP A 333 -9.71 13.42 -24.46
C ASP A 333 -8.72 14.22 -23.61
N ARG A 334 -8.84 14.16 -22.29
CA ARG A 334 -7.90 14.76 -21.31
C ARG A 334 -7.25 13.58 -20.58
N LEU A 335 -7.50 13.48 -19.27
N LEU A 335 -7.50 13.45 -19.26
CA LEU A 335 -7.04 12.35 -18.40
CA LEU A 335 -6.94 12.35 -18.45
C LEU A 335 -8.01 11.19 -18.59
C LEU A 335 -7.91 11.16 -18.50
N MET A 336 -7.55 10.12 -19.25
CA MET A 336 -8.41 8.94 -19.49
C MET A 336 -8.29 8.01 -18.27
N LEU A 337 -8.94 8.39 -17.17
CA LEU A 337 -8.99 7.58 -15.93
C LEU A 337 -10.44 7.44 -15.47
N THR A 338 -10.81 6.26 -14.97
CA THR A 338 -12.16 5.96 -14.44
C THR A 338 -12.51 6.97 -13.34
N PRO A 339 -11.67 7.14 -12.30
CA PRO A 339 -12.05 8.02 -11.18
C PRO A 339 -12.20 9.49 -11.55
N VAL A 340 -11.52 9.91 -12.61
CA VAL A 340 -11.71 11.27 -13.16
C VAL A 340 -13.11 11.33 -13.78
N ALA A 341 -13.46 10.36 -14.64
CA ALA A 341 -14.81 10.27 -15.26
C ALA A 341 -15.84 10.31 -14.13
N ILE A 342 -15.64 9.53 -13.08
CA ILE A 342 -16.63 9.41 -11.99
C ILE A 342 -16.74 10.78 -11.31
N ASN A 343 -15.60 11.42 -11.04
CA ASN A 343 -15.53 12.74 -10.36
C ASN A 343 -16.29 13.79 -11.19
N GLU A 344 -16.07 13.80 -12.50
CA GLU A 344 -16.74 14.75 -13.42
C GLU A 344 -18.26 14.54 -13.38
N GLY A 345 -18.72 13.28 -13.46
CA GLY A 345 -20.15 12.93 -13.44
C GLY A 345 -20.82 13.37 -12.16
N ALA A 346 -20.18 13.08 -11.02
CA ALA A 346 -20.64 13.44 -9.67
C ALA A 346 -20.73 14.97 -9.57
N ALA A 347 -19.73 15.69 -10.07
CA ALA A 347 -19.65 17.16 -10.01
C ALA A 347 -20.74 17.74 -10.92
N LEU A 348 -20.91 17.19 -12.11
CA LEU A 348 -21.87 17.70 -13.11
C LEU A 348 -23.28 17.63 -12.53
N VAL A 349 -23.61 16.52 -11.89
CA VAL A 349 -24.97 16.26 -11.33
C VAL A 349 -25.16 17.08 -10.05
N ASP A 350 -24.13 17.22 -9.21
CA ASP A 350 -24.20 18.04 -7.96
C ASP A 350 -24.39 19.50 -8.37
N THR A 351 -23.85 19.88 -9.53
CA THR A 351 -23.97 21.25 -10.11
C THR A 351 -25.42 21.40 -10.57
N VAL A 352 -25.76 20.75 -11.69
CA VAL A 352 -27.00 20.97 -12.49
C VAL A 352 -28.25 20.62 -11.68
N PHE A 353 -28.22 19.58 -10.85
CA PHE A 353 -29.43 19.04 -10.18
C PHE A 353 -29.40 19.34 -8.69
N GLY A 354 -28.23 19.38 -8.06
CA GLY A 354 -28.10 19.75 -6.63
C GLY A 354 -28.00 21.25 -6.42
N ASN A 355 -27.88 22.03 -7.50
CA ASN A 355 -27.71 23.48 -7.37
C ASN A 355 -26.49 23.77 -6.50
N LYS A 356 -25.43 23.00 -6.69
CA LYS A 356 -24.21 23.05 -5.85
C LYS A 356 -23.06 22.98 -6.84
N PRO A 357 -22.74 24.08 -7.56
CA PRO A 357 -21.76 24.01 -8.63
C PRO A 357 -20.42 23.53 -8.02
N ARG A 358 -19.82 22.55 -8.69
CA ARG A 358 -18.53 21.94 -8.32
C ARG A 358 -17.86 21.50 -9.62
N LYS A 359 -16.56 21.79 -9.73
CA LYS A 359 -15.69 21.51 -10.91
C LYS A 359 -14.66 20.46 -10.45
N THR A 360 -14.40 19.49 -11.31
CA THR A 360 -13.34 18.49 -11.12
C THR A 360 -12.00 19.22 -11.14
N ASP A 361 -11.12 18.86 -10.20
CA ASP A 361 -9.70 19.29 -10.21
C ASP A 361 -8.93 18.26 -11.02
N HIS A 362 -8.34 18.69 -12.13
CA HIS A 362 -7.53 17.83 -13.03
C HIS A 362 -6.06 17.89 -12.61
N THR A 363 -5.71 18.61 -11.54
CA THR A 363 -4.34 18.64 -10.96
C THR A 363 -4.29 17.66 -9.79
N ARG A 364 -3.09 17.15 -9.52
CA ARG A 364 -2.79 16.43 -8.27
C ARG A 364 -3.66 15.18 -8.25
N VAL A 365 -3.80 14.54 -9.41
CA VAL A 365 -4.58 13.28 -9.53
C VAL A 365 -3.64 12.10 -9.31
N ALA A 366 -3.91 11.31 -8.30
CA ALA A 366 -3.18 10.06 -8.07
C ALA A 366 -3.57 9.08 -9.18
N SER A 367 -2.60 8.35 -9.72
CA SER A 367 -2.88 7.28 -10.71
C SER A 367 -1.79 6.22 -10.55
N ALA A 368 -1.90 5.15 -11.31
CA ALA A 368 -1.00 4.00 -11.14
C ALA A 368 -0.76 3.37 -12.50
N VAL A 369 0.36 2.69 -12.61
CA VAL A 369 0.63 1.70 -13.69
C VAL A 369 0.86 0.38 -12.98
N PHE A 370 0.05 -0.64 -13.29
CA PHE A 370 0.22 -2.00 -12.75
C PHE A 370 1.21 -2.75 -13.63
N SER A 371 2.35 -2.11 -13.80
CA SER A 371 3.61 -2.75 -14.23
C SER A 371 4.01 -3.68 -13.09
N ILE A 372 4.88 -4.62 -13.37
CA ILE A 372 5.51 -5.44 -12.30
C ILE A 372 6.98 -5.04 -12.29
N PRO A 373 7.46 -4.41 -11.19
CA PRO A 373 6.60 -3.86 -10.13
C PRO A 373 5.89 -2.57 -10.53
N PRO A 374 4.90 -2.10 -9.74
CA PRO A 374 4.01 -1.02 -10.18
C PRO A 374 4.49 0.40 -9.84
N ILE A 375 3.87 1.35 -10.53
CA ILE A 375 4.04 2.81 -10.38
C ILE A 375 2.83 3.35 -9.64
N GLY A 376 3.08 4.27 -8.72
CA GLY A 376 2.05 5.13 -8.09
C GLY A 376 2.56 6.54 -8.15
N THR A 377 1.76 7.46 -8.66
CA THR A 377 2.18 8.84 -8.96
C THR A 377 1.04 9.82 -8.68
N CYS A 378 1.39 11.03 -8.27
CA CYS A 378 0.42 12.11 -8.04
C CYS A 378 1.16 13.41 -8.31
N GLY A 379 0.63 14.25 -9.18
CA GLY A 379 1.13 15.61 -9.39
C GLY A 379 2.23 15.68 -10.40
N LEU A 380 3.06 16.72 -10.31
CA LEU A 380 3.97 17.13 -11.41
C LEU A 380 5.24 16.31 -11.38
N ILE A 381 5.71 15.89 -12.55
CA ILE A 381 7.12 15.43 -12.73
C ILE A 381 8.02 16.68 -12.70
N GLU A 382 9.25 16.50 -12.26
CA GLU A 382 10.23 17.60 -12.03
C GLU A 382 10.42 18.44 -13.28
N GLU A 383 10.44 17.84 -14.48
CA GLU A 383 10.66 18.59 -15.75
C GLU A 383 9.57 19.65 -15.90
N VAL A 384 8.34 19.26 -15.58
CA VAL A 384 7.13 20.10 -15.68
C VAL A 384 7.21 21.17 -14.58
N ALA A 385 7.45 20.80 -13.32
CA ALA A 385 7.60 21.74 -12.17
C ALA A 385 8.62 22.84 -12.50
N ALA A 386 9.78 22.41 -13.01
CA ALA A 386 10.99 23.22 -13.28
C ALA A 386 10.68 24.35 -14.28
N LYS A 387 9.71 24.16 -15.18
CA LYS A 387 9.28 25.20 -16.15
C LYS A 387 8.28 26.17 -15.50
N GLU A 388 7.55 25.76 -14.46
CA GLU A 388 6.52 26.61 -13.78
C GLU A 388 7.10 27.36 -12.58
N PHE A 389 8.09 26.80 -11.88
CA PHE A 389 8.57 27.32 -10.58
C PHE A 389 10.06 27.67 -10.72
N GLU A 390 10.45 28.80 -10.14
N GLU A 390 10.46 28.79 -10.12
CA GLU A 390 11.85 29.32 -10.14
CA GLU A 390 11.85 29.34 -10.15
C GLU A 390 12.78 28.28 -9.50
C GLU A 390 12.80 28.33 -9.48
N LYS A 391 12.41 27.79 -8.31
CA LYS A 391 13.23 26.81 -7.54
C LYS A 391 12.39 25.56 -7.21
N VAL A 392 12.83 24.43 -7.74
CA VAL A 392 12.24 23.08 -7.53
C VAL A 392 13.28 22.25 -6.81
N ALA A 393 12.93 21.60 -5.71
CA ALA A 393 13.76 20.57 -5.06
C ALA A 393 13.23 19.18 -5.42
N VAL A 394 14.15 18.23 -5.59
CA VAL A 394 13.81 16.80 -5.79
C VAL A 394 14.46 16.02 -4.65
N TYR A 395 13.63 15.38 -3.84
CA TYR A 395 13.99 14.43 -2.77
C TYR A 395 13.89 13.04 -3.38
N MET A 396 14.89 12.19 -3.22
CA MET A 396 14.88 10.87 -3.89
C MET A 396 15.46 9.82 -2.92
N SER A 397 14.76 8.69 -2.78
CA SER A 397 15.25 7.50 -2.06
C SER A 397 15.02 6.30 -2.98
N SER A 398 16.09 5.63 -3.36
CA SER A 398 16.04 4.50 -4.31
C SER A 398 16.99 3.42 -3.80
N PHE A 399 16.47 2.21 -3.65
CA PHE A 399 17.20 1.08 -3.02
C PHE A 399 16.40 -0.19 -3.30
N THR A 400 17.06 -1.35 -3.31
CA THR A 400 16.38 -2.65 -3.35
C THR A 400 15.91 -2.92 -1.93
N PRO A 401 14.60 -3.02 -1.66
CA PRO A 401 14.13 -3.33 -0.32
C PRO A 401 14.73 -4.68 0.11
N LEU A 402 14.93 -4.81 1.41
CA LEU A 402 15.61 -5.95 2.04
C LEU A 402 14.93 -7.24 1.61
N MET A 403 13.59 -7.26 1.58
CA MET A 403 12.87 -8.52 1.28
C MET A 403 13.26 -9.00 -0.14
N HIS A 404 13.61 -8.08 -1.06
CA HIS A 404 13.95 -8.43 -2.46
C HIS A 404 15.43 -8.80 -2.60
N ASN A 405 16.26 -8.42 -1.63
CA ASN A 405 17.61 -9.02 -1.43
C ASN A 405 17.43 -10.50 -1.04
N ILE A 406 16.47 -10.83 -0.18
CA ILE A 406 16.24 -12.25 0.20
C ILE A 406 15.49 -12.99 -0.92
N SER A 407 14.54 -12.33 -1.59
CA SER A 407 13.68 -12.98 -2.61
C SER A 407 14.52 -13.41 -3.82
N GLY A 408 15.63 -12.72 -4.09
CA GLY A 408 16.46 -12.95 -5.30
C GLY A 408 16.14 -11.95 -6.40
N SER A 409 15.09 -11.14 -6.26
CA SER A 409 14.77 -10.09 -7.25
C SER A 409 15.53 -8.82 -6.89
N LYS A 410 16.86 -8.85 -6.97
CA LYS A 410 17.71 -7.71 -6.52
C LYS A 410 17.48 -6.52 -7.43
N TYR A 411 17.01 -6.76 -8.65
CA TYR A 411 16.69 -5.71 -9.63
C TYR A 411 15.45 -4.87 -9.24
N LYS A 412 14.65 -5.28 -8.26
CA LYS A 412 13.41 -4.54 -7.89
C LYS A 412 13.81 -3.34 -7.02
N LYS A 413 14.40 -2.33 -7.63
CA LYS A 413 14.74 -1.08 -6.89
C LYS A 413 13.42 -0.33 -6.64
N PHE A 414 13.15 -0.05 -5.37
CA PHE A 414 12.08 0.88 -4.95
C PHE A 414 12.57 2.29 -5.24
N VAL A 415 11.70 3.14 -5.79
CA VAL A 415 12.00 4.58 -6.07
C VAL A 415 10.90 5.40 -5.42
N ALA A 416 11.26 6.34 -4.55
CA ALA A 416 10.34 7.35 -3.98
C ALA A 416 10.93 8.73 -4.28
N LYS A 417 10.19 9.57 -5.03
CA LYS A 417 10.61 10.96 -5.37
C LYS A 417 9.53 11.94 -4.94
N ILE A 418 9.94 12.98 -4.24
CA ILE A 418 9.04 14.12 -3.91
C ILE A 418 9.64 15.31 -4.60
N VAL A 419 8.83 15.94 -5.43
CA VAL A 419 9.16 17.19 -6.13
C VAL A 419 8.47 18.31 -5.38
N THR A 420 9.20 19.35 -4.99
CA THR A 420 8.60 20.49 -4.26
C THR A 420 8.86 21.82 -4.95
N ASN A 421 8.01 22.79 -4.63
CA ASN A 421 8.32 24.22 -4.80
C ASN A 421 9.29 24.58 -3.69
N HIS A 422 10.57 24.74 -4.00
CA HIS A 422 11.58 24.93 -2.95
C HIS A 422 11.41 26.30 -2.30
N SER A 423 10.69 27.25 -2.91
CA SER A 423 10.45 28.58 -2.31
C SER A 423 9.61 28.44 -1.03
N ASP A 424 8.68 27.49 -0.94
CA ASP A 424 7.82 27.35 0.26
C ASP A 424 7.70 25.90 0.73
N GLY A 425 8.33 24.94 0.05
CA GLY A 425 8.28 23.53 0.47
C GLY A 425 7.02 22.79 0.02
N THR A 426 6.08 23.46 -0.68
CA THR A 426 4.82 22.82 -1.17
C THR A 426 5.14 21.59 -2.04
N VAL A 427 4.54 20.45 -1.73
CA VAL A 427 4.74 19.24 -2.56
C VAL A 427 4.00 19.40 -3.87
N LEU A 428 4.72 19.30 -4.97
CA LEU A 428 4.17 19.45 -6.33
C LEU A 428 3.90 18.07 -6.94
N GLY A 429 4.66 17.06 -6.57
CA GLY A 429 4.51 15.71 -7.15
C GLY A 429 5.21 14.66 -6.30
N VAL A 430 4.67 13.45 -6.29
CA VAL A 430 5.20 12.27 -5.56
C VAL A 430 5.14 11.11 -6.54
N HIS A 431 6.26 10.40 -6.72
CA HIS A 431 6.47 9.39 -7.79
C HIS A 431 7.08 8.17 -7.13
N LEU A 432 6.40 7.03 -7.20
CA LEU A 432 6.79 5.78 -6.52
C LEU A 432 6.88 4.67 -7.56
N LEU A 433 7.95 3.89 -7.51
CA LEU A 433 8.03 2.59 -8.21
C LEU A 433 8.35 1.54 -7.15
N GLY A 434 7.55 0.48 -7.09
CA GLY A 434 7.82 -0.67 -6.22
C GLY A 434 6.54 -1.27 -5.73
N ASP A 435 6.63 -2.45 -5.12
CA ASP A 435 5.45 -3.17 -4.59
C ASP A 435 4.68 -2.20 -3.69
N GLY A 436 3.38 -2.06 -3.94
CA GLY A 436 2.46 -1.29 -3.10
C GLY A 436 2.38 0.19 -3.45
N ALA A 437 3.12 0.67 -4.46
CA ALA A 437 3.13 2.08 -4.91
C ALA A 437 1.70 2.59 -5.14
N PRO A 438 0.81 1.85 -5.85
CA PRO A 438 -0.54 2.32 -6.13
C PRO A 438 -1.34 2.51 -4.82
N GLU A 439 -1.09 1.66 -3.83
CA GLU A 439 -1.79 1.72 -2.52
C GLU A 439 -1.21 2.88 -1.72
N ILE A 440 0.12 3.06 -1.78
CA ILE A 440 0.81 4.13 -1.02
C ILE A 440 0.31 5.48 -1.50
N ILE A 441 0.13 5.61 -2.81
CA ILE A 441 -0.05 6.95 -3.40
C ILE A 441 -1.44 7.52 -3.13
N GLN A 442 -2.45 6.72 -2.77
CA GLN A 442 -3.83 7.27 -2.71
C GLN A 442 -3.90 8.42 -1.70
N ALA A 443 -3.47 8.17 -0.47
CA ALA A 443 -3.56 9.15 0.64
C ALA A 443 -2.59 10.31 0.38
N VAL A 444 -1.56 10.11 -0.45
CA VAL A 444 -0.71 11.21 -0.98
C VAL A 444 -1.57 12.18 -1.78
N GLY A 445 -2.54 11.67 -2.55
CA GLY A 445 -3.52 12.51 -3.27
C GLY A 445 -4.22 13.46 -2.31
N VAL A 446 -4.60 12.95 -1.15
CA VAL A 446 -5.31 13.78 -0.14
C VAL A 446 -4.33 14.84 0.38
N CYS A 447 -3.09 14.44 0.60
CA CYS A 447 -2.02 15.33 1.13
C CYS A 447 -1.85 16.52 0.17
N LEU A 448 -1.79 16.25 -1.11
CA LEU A 448 -1.55 17.30 -2.12
C LEU A 448 -2.76 18.26 -2.21
N ARG A 449 -3.98 17.74 -2.09
N ARG A 449 -3.97 17.73 -2.06
CA ARG A 449 -5.22 18.56 -1.99
CA ARG A 449 -5.23 18.53 -1.98
C ARG A 449 -5.10 19.48 -0.76
C ARG A 449 -5.17 19.43 -0.74
N LEU A 450 -4.52 18.99 0.35
CA LEU A 450 -4.34 19.81 1.58
C LEU A 450 -3.11 20.71 1.49
N ASN A 451 -2.44 20.82 0.35
CA ASN A 451 -1.25 21.70 0.14
C ASN A 451 -0.11 21.28 1.08
N ALA A 452 0.05 19.99 1.31
CA ALA A 452 1.14 19.43 2.15
C ALA A 452 2.51 19.97 1.69
N LYS A 453 3.37 20.30 2.64
CA LYS A 453 4.80 20.65 2.39
C LYS A 453 5.64 19.42 2.70
N ILE A 454 6.88 19.41 2.21
CA ILE A 454 7.91 18.38 2.53
C ILE A 454 8.02 18.21 4.05
N SER A 455 7.90 19.29 4.82
CA SER A 455 8.01 19.25 6.31
C SER A 455 6.78 18.57 6.92
N ASP A 456 5.63 18.64 6.27
CA ASP A 456 4.44 17.86 6.72
C ASP A 456 4.71 16.35 6.61
N PHE A 457 5.36 15.93 5.53
CA PHE A 457 5.81 14.53 5.34
C PHE A 457 6.89 14.18 6.36
N TYR A 458 7.99 14.94 6.44
CA TYR A 458 9.16 14.51 7.26
C TYR A 458 8.81 14.62 8.74
N ASN A 459 7.89 15.48 9.16
CA ASN A 459 7.49 15.57 10.59
C ASN A 459 6.44 14.51 10.94
N THR A 460 5.87 13.79 9.97
CA THR A 460 4.95 12.67 10.30
C THR A 460 5.81 11.47 10.68
N ILE A 461 5.41 10.72 11.71
CA ILE A 461 6.13 9.52 12.19
C ILE A 461 5.88 8.36 11.23
N GLY A 462 6.96 7.69 10.81
CA GLY A 462 6.91 6.56 9.88
C GLY A 462 6.18 5.38 10.50
N VAL A 463 5.54 4.58 9.64
CA VAL A 463 5.10 3.18 9.93
C VAL A 463 6.24 2.26 9.51
N HIS A 464 6.76 1.52 10.46
CA HIS A 464 7.97 0.71 10.25
C HIS A 464 7.63 -0.74 10.49
N PRO A 465 8.11 -1.70 9.65
CA PRO A 465 8.77 -1.41 8.38
C PRO A 465 7.75 -1.40 7.22
N THR A 466 7.80 -0.36 6.40
CA THR A 466 7.02 -0.19 5.15
C THR A 466 7.94 0.45 4.10
N SER A 467 7.60 0.34 2.82
CA SER A 467 8.19 1.20 1.76
C SER A 467 7.72 2.64 1.93
N ALA A 468 6.45 2.82 2.33
CA ALA A 468 5.75 4.11 2.47
C ALA A 468 6.52 5.05 3.40
N GLU A 469 7.13 4.55 4.47
CA GLU A 469 7.81 5.43 5.46
C GLU A 469 8.95 6.18 4.77
N GLU A 470 9.45 5.73 3.62
CA GLU A 470 10.47 6.51 2.88
C GLU A 470 9.98 7.94 2.66
N LEU A 471 8.68 8.11 2.42
CA LEU A 471 8.08 9.43 2.13
C LEU A 471 8.18 10.34 3.35
N CYS A 472 8.32 9.78 4.55
CA CYS A 472 8.35 10.52 5.84
C CYS A 472 9.78 10.62 6.37
N SER A 473 10.79 10.24 5.56
CA SER A 473 12.21 10.11 5.98
C SER A 473 13.14 11.02 5.17
N MET A 474 12.60 11.92 4.35
CA MET A 474 13.42 12.71 3.41
C MET A 474 13.34 14.18 3.79
N ARG A 475 14.47 14.73 4.27
CA ARG A 475 14.61 16.11 4.86
C ARG A 475 15.45 17.00 3.94
N THR A 476 16.29 16.41 3.10
CA THR A 476 17.37 17.08 2.36
C THR A 476 17.18 16.82 0.87
N PRO A 477 17.05 17.84 -0.01
CA PRO A 477 17.01 17.63 -1.45
C PRO A 477 18.20 16.83 -1.99
N SER A 478 17.95 16.00 -3.02
CA SER A 478 19.03 15.31 -3.76
C SER A 478 19.58 16.27 -4.78
N TYR A 479 18.71 17.11 -5.34
CA TYR A 479 19.14 18.12 -6.34
C TYR A 479 17.97 19.07 -6.54
N TYR A 480 18.16 20.01 -7.45
CA TYR A 480 17.26 21.18 -7.65
C TYR A 480 17.16 21.44 -9.14
N TYR A 481 16.11 22.18 -9.50
CA TYR A 481 16.05 22.96 -10.74
C TYR A 481 15.98 24.44 -10.33
N VAL A 482 16.89 25.27 -10.86
CA VAL A 482 16.87 26.74 -10.66
C VAL A 482 16.68 27.40 -12.02
N LYS A 483 15.61 28.18 -12.15
CA LYS A 483 15.11 28.75 -13.43
C LYS A 483 15.28 27.74 -14.56
N GLY A 484 14.88 26.48 -14.33
CA GLY A 484 14.84 25.43 -15.37
C GLY A 484 16.08 24.56 -15.38
N GLU A 485 17.14 24.99 -14.68
CA GLU A 485 18.48 24.36 -14.76
C GLU A 485 18.66 23.36 -13.62
N LYS A 486 18.99 22.12 -13.97
CA LYS A 486 19.32 21.06 -12.98
C LYS A 486 20.69 21.37 -12.37
N MET A 487 20.82 21.24 -11.04
CA MET A 487 22.09 21.39 -10.27
C MET A 487 21.95 20.67 -8.93
N GLU A 488 23.05 20.07 -8.47
CA GLU A 488 23.21 19.44 -7.14
C GLU A 488 22.90 20.44 -6.03
N LYS A 489 23.39 21.67 -6.14
CA LYS A 489 23.36 22.64 -5.01
C LYS A 489 22.76 23.96 -5.49
N LEU A 490 21.97 24.60 -4.63
CA LEU A 490 21.51 25.99 -4.85
C LEU A 490 22.73 26.91 -4.89
N PRO A 491 22.70 27.99 -5.70
CA PRO A 491 23.56 29.15 -5.47
C PRO A 491 23.23 29.86 -4.15
N LYS B 6 37.38 8.60 30.45
CA LYS B 6 37.04 9.27 29.16
C LYS B 6 35.78 10.11 29.35
N ALA B 7 35.76 11.33 28.79
CA ALA B 7 34.73 12.38 29.04
C ALA B 7 33.90 12.66 27.78
N PHE B 8 32.57 12.75 27.91
CA PHE B 8 31.66 12.88 26.75
C PHE B 8 30.66 13.99 27.02
N ASP B 9 30.24 14.68 25.96
CA ASP B 9 29.08 15.60 26.04
C ASP B 9 27.84 14.78 26.35
N LEU B 10 27.77 13.56 25.81
CA LEU B 10 26.55 12.71 25.90
C LEU B 10 26.96 11.25 25.98
N VAL B 11 26.40 10.54 26.95
CA VAL B 11 26.56 9.07 26.99
C VAL B 11 25.17 8.48 26.81
N VAL B 12 25.06 7.56 25.87
CA VAL B 12 23.78 6.89 25.53
C VAL B 12 23.89 5.47 26.01
N ILE B 13 22.98 5.05 26.88
CA ILE B 13 22.89 3.64 27.31
C ILE B 13 21.76 3.01 26.51
N GLY B 14 22.13 2.08 25.64
CA GLY B 14 21.27 1.39 24.68
C GLY B 14 21.51 1.90 23.27
N ALA B 15 22.10 1.06 22.43
CA ALA B 15 22.42 1.33 21.01
C ALA B 15 21.24 0.86 20.16
N GLY B 16 20.05 1.37 20.46
CA GLY B 16 18.82 0.99 19.76
C GLY B 16 18.26 2.10 18.91
N SER B 17 16.99 1.93 18.54
CA SER B 17 16.29 2.84 17.60
C SER B 17 16.47 4.28 18.10
N GLY B 18 16.09 4.54 19.34
CA GLY B 18 16.13 5.90 19.90
C GLY B 18 17.55 6.33 20.21
N GLY B 19 18.30 5.45 20.89
CA GLY B 19 19.69 5.68 21.29
C GLY B 19 20.58 6.03 20.10
N LEU B 20 20.47 5.32 18.99
CA LEU B 20 21.33 5.60 17.81
C LEU B 20 20.89 6.89 17.13
N GLU B 21 19.60 7.12 16.99
CA GLU B 21 19.12 8.42 16.44
C GLU B 21 19.75 9.55 17.27
N ALA B 22 19.62 9.47 18.60
CA ALA B 22 20.05 10.57 19.51
C ALA B 22 21.56 10.76 19.39
N GLY B 23 22.32 9.66 19.43
CA GLY B 23 23.79 9.70 19.46
C GLY B 23 24.36 10.19 18.13
N TRP B 24 23.76 9.76 17.03
CA TRP B 24 24.23 10.10 15.66
C TRP B 24 23.92 11.58 15.44
N ASN B 25 22.71 12.00 15.81
CA ASN B 25 22.29 13.42 15.70
C ASN B 25 23.22 14.31 16.54
N ALA B 26 23.46 13.97 17.81
CA ALA B 26 24.29 14.80 18.70
C ALA B 26 25.71 14.91 18.12
N ALA B 27 26.29 13.78 17.68
CA ALA B 27 27.67 13.70 17.11
C ALA B 27 27.76 14.46 15.78
N THR B 28 26.84 14.20 14.85
CA THR B 28 26.97 14.66 13.44
C THR B 28 26.28 16.01 13.26
N LEU B 29 25.11 16.23 13.85
CA LEU B 29 24.40 17.50 13.60
C LEU B 29 24.92 18.56 14.57
N TYR B 30 25.20 18.23 15.83
CA TYR B 30 25.51 19.27 16.85
C TYR B 30 26.99 19.20 17.24
N GLY B 31 27.75 18.31 16.61
CA GLY B 31 29.22 18.23 16.79
C GLY B 31 29.61 17.91 18.22
N LYS B 32 28.78 17.15 18.96
CA LYS B 32 29.06 16.73 20.35
C LYS B 32 29.92 15.45 20.34
N ARG B 33 30.70 15.22 21.41
CA ARG B 33 31.47 13.97 21.62
C ARG B 33 30.53 12.97 22.31
N VAL B 34 30.31 11.81 21.70
CA VAL B 34 29.17 10.91 22.05
C VAL B 34 29.71 9.51 22.31
N ALA B 35 29.33 8.93 23.46
CA ALA B 35 29.57 7.51 23.80
C ALA B 35 28.23 6.79 23.74
N VAL B 36 28.20 5.58 23.19
CA VAL B 36 26.95 4.76 23.18
C VAL B 36 27.34 3.40 23.72
N VAL B 37 26.48 2.80 24.54
CA VAL B 37 26.76 1.50 25.23
C VAL B 37 25.67 0.49 24.88
N ASP B 38 26.09 -0.73 24.58
CA ASP B 38 25.19 -1.88 24.35
C ASP B 38 25.95 -3.14 24.72
N VAL B 39 25.20 -4.21 24.94
CA VAL B 39 25.65 -5.41 25.66
C VAL B 39 26.17 -6.45 24.66
N GLN B 40 25.94 -6.21 23.38
CA GLN B 40 26.27 -7.17 22.28
C GLN B 40 26.48 -6.37 21.00
N THR B 41 27.34 -6.87 20.11
CA THR B 41 27.67 -6.19 18.83
C THR B 41 26.81 -6.83 17.73
N SER B 42 26.25 -8.00 17.98
CA SER B 42 25.41 -8.69 16.98
C SER B 42 24.33 -9.48 17.69
N HIS B 43 23.33 -9.84 16.91
CA HIS B 43 22.02 -10.41 17.33
C HIS B 43 22.17 -11.76 18.02
N GLY B 44 21.20 -12.08 18.86
CA GLY B 44 20.91 -13.45 19.31
C GLY B 44 21.37 -13.70 20.74
N PRO B 45 21.22 -14.96 21.19
CA PRO B 45 21.66 -15.39 22.52
C PRO B 45 23.09 -14.96 22.82
N PRO B 46 23.40 -14.59 24.08
CA PRO B 46 22.43 -14.65 25.17
C PRO B 46 21.52 -13.44 25.44
N PHE B 47 21.80 -12.23 24.97
CA PHE B 47 21.03 -11.01 25.37
C PHE B 47 20.03 -10.55 24.28
N TYR B 48 20.04 -11.21 23.11
CA TYR B 48 19.05 -11.09 21.99
C TYR B 48 19.14 -9.74 21.26
N ALA B 49 18.75 -8.66 21.93
CA ALA B 49 18.98 -7.30 21.43
C ALA B 49 20.48 -7.00 21.49
N ALA B 50 20.91 -6.01 20.73
CA ALA B 50 22.33 -5.78 20.46
C ALA B 50 22.43 -4.46 19.74
N LEU B 51 23.63 -4.09 19.35
CA LEU B 51 23.86 -2.94 18.47
C LEU B 51 22.76 -2.94 17.42
N GLY B 52 21.99 -1.85 17.36
CA GLY B 52 20.87 -1.71 16.42
C GLY B 52 19.55 -1.66 17.16
N GLY B 53 19.45 -2.31 18.30
CA GLY B 53 18.24 -2.26 19.15
C GLY B 53 17.35 -3.45 18.95
N THR B 54 16.15 -3.40 19.54
CA THR B 54 15.25 -4.56 19.62
C THR B 54 14.65 -4.79 18.22
N CYS B 55 14.30 -3.71 17.57
CA CYS B 55 13.63 -3.70 16.24
C CYS B 55 14.52 -4.42 15.23
N VAL B 56 15.78 -3.98 15.16
CA VAL B 56 16.76 -4.57 14.22
C VAL B 56 16.96 -6.05 14.54
N ASN B 57 17.20 -6.36 15.80
CA ASN B 57 17.77 -7.67 16.19
C ASN B 57 16.65 -8.69 16.40
N VAL B 58 15.60 -8.33 17.16
CA VAL B 58 14.55 -9.33 17.55
C VAL B 58 13.19 -8.61 17.58
N GLY B 59 12.90 -7.83 16.54
CA GLY B 59 11.61 -7.11 16.42
C GLY B 59 11.22 -6.87 14.98
N CYS B 60 10.96 -5.59 14.67
CA CYS B 60 10.25 -5.16 13.44
C CYS B 60 10.91 -5.84 12.24
N VAL B 61 12.24 -5.76 12.16
CA VAL B 61 12.96 -6.10 10.92
C VAL B 61 12.85 -7.60 10.67
N PRO B 62 13.34 -8.46 11.58
CA PRO B 62 13.26 -9.90 11.34
C PRO B 62 11.81 -10.39 11.29
N LYS B 63 10.94 -9.82 12.14
CA LYS B 63 9.54 -10.30 12.16
C LYS B 63 8.89 -10.00 10.80
N LYS B 64 9.16 -8.85 10.19
CA LYS B 64 8.57 -8.48 8.88
C LYS B 64 9.05 -9.47 7.81
N LEU B 65 10.35 -9.80 7.80
CA LEU B 65 10.90 -10.81 6.88
C LEU B 65 10.17 -12.13 7.11
N MET B 66 9.91 -12.51 8.35
CA MET B 66 9.31 -13.84 8.61
C MET B 66 7.83 -13.83 8.26
N VAL B 67 7.12 -12.72 8.44
CA VAL B 67 5.72 -12.63 7.98
C VAL B 67 5.69 -12.64 6.46
N THR B 68 6.62 -11.94 5.81
CA THR B 68 6.71 -11.99 4.34
C THR B 68 6.81 -13.49 3.96
N GLY B 69 7.71 -14.23 4.59
CA GLY B 69 7.84 -15.68 4.35
C GLY B 69 6.51 -16.40 4.56
N ALA B 70 5.82 -16.11 5.67
CA ALA B 70 4.55 -16.76 6.03
C ALA B 70 3.49 -16.47 4.94
N GLN B 71 3.52 -15.29 4.34
CA GLN B 71 2.52 -14.85 3.32
C GLN B 71 2.57 -15.80 2.10
N TYR B 72 3.70 -16.42 1.78
CA TYR B 72 3.77 -17.31 0.57
C TYR B 72 2.84 -18.53 0.74
N MET B 73 2.56 -18.96 1.97
CA MET B 73 1.58 -20.05 2.16
C MET B 73 0.28 -19.66 1.45
N ASP B 74 -0.18 -18.42 1.65
CA ASP B 74 -1.42 -17.90 1.05
C ASP B 74 -1.18 -17.72 -0.44
N HIS B 75 -0.04 -17.18 -0.88
CA HIS B 75 0.18 -16.83 -2.30
C HIS B 75 0.14 -18.14 -3.09
N LEU B 76 0.83 -19.18 -2.62
CA LEU B 76 0.93 -20.48 -3.32
C LEU B 76 -0.48 -21.04 -3.51
N ARG B 77 -1.28 -21.05 -2.45
CA ARG B 77 -2.68 -21.57 -2.54
C ARG B 77 -3.51 -20.64 -3.44
N GLU B 78 -3.39 -19.33 -3.26
CA GLU B 78 -4.20 -18.33 -3.98
C GLU B 78 -3.85 -18.32 -5.47
N SER B 79 -2.62 -18.68 -5.85
CA SER B 79 -2.15 -18.70 -7.26
C SER B 79 -3.10 -19.58 -8.10
N ALA B 80 -3.67 -20.63 -7.54
CA ALA B 80 -4.43 -21.62 -8.33
C ALA B 80 -5.65 -20.97 -8.97
N GLY B 81 -6.30 -20.03 -8.29
CA GLY B 81 -7.52 -19.38 -8.81
C GLY B 81 -7.22 -18.54 -10.05
N PHE B 82 -5.98 -18.09 -10.21
CA PHE B 82 -5.47 -17.29 -11.35
C PHE B 82 -4.81 -18.21 -12.39
N GLY B 83 -4.98 -19.52 -12.23
CA GLY B 83 -4.60 -20.55 -13.21
C GLY B 83 -3.25 -21.17 -12.95
N TRP B 84 -2.59 -20.86 -11.84
CA TRP B 84 -1.26 -21.41 -11.57
C TRP B 84 -1.43 -22.87 -11.13
N GLU B 85 -0.55 -23.71 -11.63
CA GLU B 85 -0.60 -25.18 -11.42
C GLU B 85 0.79 -25.64 -11.04
N PHE B 86 0.88 -26.42 -9.98
CA PHE B 86 2.13 -27.09 -9.60
C PHE B 86 1.78 -28.22 -8.64
N ASP B 87 2.77 -29.05 -8.36
CA ASP B 87 2.57 -30.24 -7.51
C ASP B 87 2.47 -29.78 -6.05
N GLY B 88 1.25 -29.65 -5.52
CA GLY B 88 1.00 -29.23 -4.13
C GLY B 88 1.71 -30.11 -3.11
N SER B 89 1.78 -31.42 -3.36
CA SER B 89 2.39 -32.40 -2.44
C SER B 89 3.91 -32.19 -2.37
N SER B 90 4.53 -31.47 -3.31
CA SER B 90 5.99 -31.17 -3.25
C SER B 90 6.26 -29.97 -2.34
N VAL B 91 5.22 -29.28 -1.85
CA VAL B 91 5.39 -27.96 -1.18
C VAL B 91 5.92 -28.18 0.24
N LYS B 92 7.06 -27.61 0.57
CA LYS B 92 7.61 -27.61 1.94
C LYS B 92 7.95 -26.17 2.32
N ALA B 93 7.65 -25.79 3.57
CA ALA B 93 8.07 -24.53 4.19
C ALA B 93 9.34 -24.79 5.00
N ASN B 94 10.49 -24.42 4.44
CA ASN B 94 11.79 -24.70 5.10
C ASN B 94 12.12 -23.51 6.01
N TRP B 95 11.70 -23.64 7.27
CA TRP B 95 11.98 -22.75 8.41
C TRP B 95 13.48 -22.48 8.54
N LYS B 96 14.33 -23.49 8.33
CA LYS B 96 15.79 -23.35 8.58
C LYS B 96 16.31 -22.27 7.62
N LYS B 97 15.86 -22.33 6.36
CA LYS B 97 16.26 -21.37 5.31
C LYS B 97 15.78 -19.97 5.70
N LEU B 98 14.53 -19.86 6.16
CA LEU B 98 14.00 -18.56 6.62
C LEU B 98 14.91 -17.99 7.69
N ILE B 99 15.21 -18.79 8.71
CA ILE B 99 15.97 -18.31 9.89
C ILE B 99 17.37 -17.90 9.43
N ALA B 100 18.01 -18.70 8.57
CA ALA B 100 19.35 -18.38 8.02
C ALA B 100 19.29 -17.08 7.21
N ALA B 101 18.29 -16.90 6.35
CA ALA B 101 18.10 -15.66 5.56
C ALA B 101 17.92 -14.48 6.52
N LYS B 102 17.06 -14.63 7.53
CA LYS B 102 16.80 -13.57 8.53
C LYS B 102 18.10 -13.23 9.27
N ASN B 103 18.83 -14.25 9.72
CA ASN B 103 20.08 -14.07 10.50
C ASN B 103 21.11 -13.28 9.67
N GLU B 104 21.23 -13.55 8.38
CA GLU B 104 22.21 -12.85 7.52
C GLU B 104 21.79 -11.38 7.40
N ALA B 105 20.51 -11.14 7.13
CA ALA B 105 19.95 -9.78 7.03
C ALA B 105 20.23 -9.01 8.32
N VAL B 106 19.94 -9.61 9.46
CA VAL B 106 20.15 -8.93 10.78
C VAL B 106 21.65 -8.72 10.99
N LEU B 107 22.47 -9.76 10.77
CA LEU B 107 23.94 -9.62 10.97
C LEU B 107 24.49 -8.52 10.07
N ASP B 108 24.04 -8.41 8.82
CA ASP B 108 24.48 -7.33 7.90
C ASP B 108 24.20 -5.98 8.56
N ILE B 109 23.04 -5.80 9.19
CA ILE B 109 22.70 -4.49 9.83
C ILE B 109 23.64 -4.27 11.01
N ASN B 110 23.84 -5.29 11.82
CA ASN B 110 24.78 -5.26 12.97
C ASN B 110 26.13 -4.75 12.46
N LYS B 111 26.68 -5.38 11.42
CA LYS B 111 27.99 -5.02 10.82
C LYS B 111 27.95 -3.56 10.33
N SER B 112 26.89 -3.14 9.65
CA SER B 112 26.88 -1.75 9.13
C SER B 112 26.92 -0.75 10.31
N TYR B 113 26.18 -0.99 11.39
CA TYR B 113 26.24 -0.12 12.61
C TYR B 113 27.66 -0.13 13.19
N GLU B 114 28.29 -1.29 13.24
CA GLU B 114 29.72 -1.45 13.62
C GLU B 114 30.60 -0.49 12.80
N GLY B 115 30.38 -0.43 11.48
CA GLY B 115 31.18 0.41 10.57
C GLY B 115 30.85 1.87 10.77
N MET B 116 29.58 2.19 11.04
CA MET B 116 29.10 3.57 11.36
C MET B 116 29.92 4.12 12.54
N PHE B 117 30.12 3.32 13.60
CA PHE B 117 30.90 3.71 14.81
C PHE B 117 32.38 3.86 14.43
N ASN B 118 32.93 2.95 13.64
CA ASN B 118 34.35 2.98 13.19
C ASN B 118 34.64 4.25 12.38
N ASP B 119 33.70 4.64 11.51
CA ASP B 119 33.86 5.70 10.49
C ASP B 119 33.32 7.05 10.97
N THR B 120 32.60 7.12 12.10
CA THR B 120 32.00 8.38 12.62
C THR B 120 32.86 8.87 13.78
N GLU B 121 33.60 9.95 13.52
CA GLU B 121 34.47 10.61 14.54
C GLU B 121 33.53 11.25 15.56
N GLY B 122 33.86 11.16 16.84
CA GLY B 122 33.09 11.76 17.94
C GLY B 122 31.88 10.90 18.29
N LEU B 123 31.84 9.66 17.80
CA LEU B 123 30.76 8.68 18.12
C LEU B 123 31.44 7.34 18.41
N ASP B 124 31.56 7.00 19.69
CA ASP B 124 32.27 5.78 20.16
C ASP B 124 31.27 4.80 20.74
N PHE B 125 31.46 3.52 20.45
CA PHE B 125 30.68 2.39 20.99
C PHE B 125 31.47 1.78 22.13
N PHE B 126 30.83 1.46 23.25
CA PHE B 126 31.42 0.62 24.32
C PHE B 126 30.55 -0.59 24.53
N LEU B 127 31.17 -1.77 24.55
CA LEU B 127 30.50 -3.07 24.77
C LEU B 127 30.43 -3.33 26.27
N GLY B 128 29.22 -3.63 26.74
CA GLY B 128 28.95 -4.17 28.08
C GLY B 128 27.71 -3.55 28.67
N TRP B 129 27.57 -3.67 29.99
CA TRP B 129 26.35 -3.24 30.72
C TRP B 129 26.54 -1.87 31.36
N GLY B 130 25.79 -0.89 30.84
CA GLY B 130 25.79 0.50 31.34
C GLY B 130 24.89 0.63 32.54
N SER B 131 25.32 1.39 33.54
CA SER B 131 24.53 1.78 34.73
C SER B 131 25.04 3.13 35.21
N LEU B 132 24.27 3.77 36.10
CA LEU B 132 24.62 5.10 36.63
C LEU B 132 25.42 4.88 37.92
N GLU B 133 26.65 5.40 37.94
CA GLU B 133 27.47 5.42 39.17
C GLU B 133 27.09 6.69 39.91
N SER B 134 27.05 7.81 39.16
CA SER B 134 26.69 9.16 39.65
C SER B 134 26.04 9.89 38.49
N LYS B 135 25.58 11.14 38.68
CA LYS B 135 24.76 11.87 37.69
C LYS B 135 25.60 12.27 36.47
N ASN B 136 26.93 12.12 36.54
CA ASN B 136 27.85 12.50 35.44
C ASN B 136 28.81 11.35 35.20
N VAL B 137 28.51 10.16 35.70
CA VAL B 137 29.38 8.97 35.44
C VAL B 137 28.48 7.79 35.11
N VAL B 138 28.66 7.26 33.90
CA VAL B 138 28.14 5.92 33.52
C VAL B 138 29.27 4.93 33.66
N VAL B 139 29.01 3.82 34.34
CA VAL B 139 29.97 2.72 34.48
C VAL B 139 29.50 1.63 33.52
N VAL B 140 30.41 1.15 32.68
CA VAL B 140 30.20 -0.04 31.83
C VAL B 140 30.91 -1.20 32.52
N ARG B 141 30.16 -2.26 32.78
CA ARG B 141 30.59 -3.47 33.50
C ARG B 141 30.44 -4.68 32.60
N GLU B 142 30.99 -5.80 33.05
CA GLU B 142 31.11 -7.07 32.30
C GLU B 142 29.73 -7.69 32.11
N THR B 143 28.90 -7.63 33.15
CA THR B 143 27.56 -8.29 33.19
C THR B 143 26.55 -7.31 33.81
N ALA B 144 25.29 -7.73 33.83
CA ALA B 144 24.12 -7.04 34.43
C ALA B 144 24.31 -6.92 35.94
N ASP B 145 25.00 -7.89 36.53
CA ASP B 145 25.35 -7.91 37.98
C ASP B 145 26.26 -6.70 38.26
N PRO B 146 25.85 -5.77 39.17
CA PRO B 146 26.65 -4.57 39.42
C PRO B 146 27.97 -4.81 40.19
N LYS B 147 28.19 -6.04 40.67
CA LYS B 147 29.45 -6.46 41.30
C LYS B 147 30.44 -6.94 40.21
N SER B 148 29.98 -7.17 38.97
CA SER B 148 30.83 -7.62 37.83
C SER B 148 31.89 -6.55 37.53
N ALA B 149 32.93 -6.92 36.78
CA ALA B 149 34.15 -6.12 36.55
C ALA B 149 33.85 -4.86 35.74
N VAL B 150 34.51 -3.76 36.10
CA VAL B 150 34.38 -2.44 35.44
C VAL B 150 35.20 -2.47 34.16
N LYS B 151 34.55 -2.24 33.02
CA LYS B 151 35.20 -2.17 31.69
C LYS B 151 35.54 -0.73 31.40
N GLU B 152 34.65 0.21 31.75
CA GLU B 152 34.86 1.64 31.48
C GLU B 152 34.13 2.43 32.55
N ARG B 153 34.60 3.64 32.82
CA ARG B 153 33.82 4.67 33.56
C ARG B 153 33.85 5.91 32.67
N LEU B 154 32.66 6.41 32.35
CA LEU B 154 32.45 7.43 31.29
C LEU B 154 31.89 8.67 31.94
N GLN B 155 32.68 9.74 31.95
CA GLN B 155 32.28 11.09 32.41
C GLN B 155 31.34 11.65 31.34
N ALA B 156 30.16 12.12 31.74
CA ALA B 156 29.05 12.51 30.86
C ALA B 156 28.49 13.84 31.36
N ASP B 157 28.57 14.88 30.53
CA ASP B 157 27.79 16.12 30.76
C ASP B 157 26.31 15.75 30.76
N HIS B 158 25.91 14.86 29.85
CA HIS B 158 24.48 14.52 29.58
C HIS B 158 24.38 13.01 29.42
N ILE B 159 23.36 12.40 30.02
CA ILE B 159 23.14 10.93 30.00
C ILE B 159 21.73 10.67 29.44
N LEU B 160 21.66 9.84 28.40
CA LEU B 160 20.38 9.38 27.80
C LEU B 160 20.19 7.92 28.15
N LEU B 161 19.09 7.60 28.80
CA LEU B 161 18.66 6.21 29.10
C LEU B 161 17.82 5.76 27.90
N ALA B 162 18.24 4.71 27.22
CA ALA B 162 17.58 4.26 25.97
C ALA B 162 17.66 2.73 25.88
N THR B 163 17.39 2.06 27.00
CA THR B 163 17.62 0.59 27.16
C THR B 163 16.41 -0.23 26.71
N GLY B 164 15.34 0.43 26.30
CA GLY B 164 14.18 -0.25 25.71
C GLY B 164 13.39 -1.05 26.74
N SER B 165 12.70 -2.09 26.26
CA SER B 165 11.77 -2.92 27.04
C SER B 165 12.23 -4.37 26.92
N TRP B 166 11.50 -5.26 27.56
CA TRP B 166 11.89 -6.68 27.76
C TRP B 166 10.62 -7.48 27.91
N PRO B 167 10.55 -8.73 27.41
CA PRO B 167 9.30 -9.48 27.45
C PRO B 167 8.92 -9.70 28.92
N GLN B 168 7.62 -9.59 29.20
CA GLN B 168 7.02 -9.90 30.52
C GLN B 168 6.71 -11.39 30.57
N MET B 169 7.13 -12.07 31.65
CA MET B 169 6.84 -13.51 31.84
C MET B 169 5.97 -13.67 33.08
N PRO B 170 4.77 -14.25 32.99
CA PRO B 170 3.96 -14.48 34.18
C PRO B 170 4.70 -15.47 35.10
N ALA B 171 4.82 -15.12 36.38
CA ALA B 171 5.31 -16.02 37.45
C ALA B 171 4.24 -17.10 37.67
N ILE B 172 4.19 -18.09 36.77
CA ILE B 172 3.39 -19.32 36.92
C ILE B 172 4.33 -20.52 37.05
N PRO B 173 3.84 -21.64 37.63
CA PRO B 173 4.62 -22.87 37.67
C PRO B 173 4.96 -23.25 36.22
N GLY B 174 6.24 -23.52 35.97
CA GLY B 174 6.72 -24.01 34.66
C GLY B 174 7.05 -22.87 33.71
N ILE B 175 7.09 -21.62 34.17
CA ILE B 175 7.47 -20.45 33.33
C ILE B 175 8.78 -20.75 32.58
N GLU B 176 9.69 -21.48 33.22
CA GLU B 176 11.01 -21.83 32.64
C GLU B 176 10.85 -22.75 31.41
N HIS B 177 9.70 -23.41 31.18
CA HIS B 177 9.44 -24.28 29.99
C HIS B 177 8.83 -23.46 28.82
N CYS B 178 8.67 -22.16 29.02
CA CYS B 178 8.10 -21.21 28.03
C CYS B 178 9.20 -20.30 27.49
N ILE B 179 8.99 -19.74 26.31
CA ILE B 179 9.89 -18.74 25.67
C ILE B 179 9.13 -17.43 25.48
N SER B 180 9.82 -16.38 25.08
CA SER B 180 9.22 -15.12 24.60
C SER B 180 9.49 -15.00 23.10
N SER B 181 9.17 -13.85 22.51
CA SER B 181 9.52 -13.55 21.11
C SER B 181 11.04 -13.72 20.89
N ASN B 182 11.86 -13.40 21.89
CA ASN B 182 13.33 -13.40 21.76
C ASN B 182 13.80 -14.78 21.23
N GLU B 183 13.41 -15.85 21.92
CA GLU B 183 13.80 -17.25 21.62
C GLU B 183 13.12 -17.68 20.32
N ALA B 184 11.94 -17.18 20.02
CA ALA B 184 11.12 -17.61 18.87
C ALA B 184 11.90 -17.35 17.56
N PHE B 185 12.67 -16.27 17.52
CA PHE B 185 13.51 -15.89 16.37
C PHE B 185 14.65 -16.88 16.16
N TYR B 186 14.89 -17.81 17.10
CA TYR B 186 16.08 -18.72 17.06
C TYR B 186 15.69 -20.18 17.19
N LEU B 187 14.41 -20.49 17.16
CA LEU B 187 13.96 -21.90 17.14
C LEU B 187 14.66 -22.56 15.96
N PRO B 188 15.36 -23.69 16.20
CA PRO B 188 16.13 -24.32 15.13
C PRO B 188 15.19 -25.01 14.13
N GLU B 189 14.04 -25.45 14.63
CA GLU B 189 13.00 -26.16 13.86
C GLU B 189 11.66 -25.47 14.11
N PRO B 190 10.73 -25.49 13.13
CA PRO B 190 9.41 -24.91 13.31
C PRO B 190 8.55 -25.82 14.18
N PRO B 191 7.94 -25.29 15.26
CA PRO B 191 7.11 -26.11 16.14
C PRO B 191 5.89 -26.65 15.40
N ARG B 192 5.59 -27.93 15.64
CA ARG B 192 4.40 -28.62 15.07
C ARG B 192 3.15 -28.08 15.78
N ARG B 193 3.24 -27.97 17.10
CA ARG B 193 2.17 -27.40 17.93
C ARG B 193 2.75 -26.24 18.70
N VAL B 194 2.11 -25.08 18.62
CA VAL B 194 2.60 -23.90 19.36
C VAL B 194 1.38 -23.17 19.94
N LEU B 195 1.51 -22.77 21.21
CA LEU B 195 0.58 -21.84 21.89
C LEU B 195 1.25 -20.47 21.93
N THR B 196 0.66 -19.48 21.26
CA THR B 196 1.04 -18.07 21.47
C THR B 196 0.10 -17.56 22.56
N VAL B 197 0.66 -17.02 23.63
CA VAL B 197 -0.09 -16.48 24.79
C VAL B 197 -0.07 -14.96 24.68
N GLY B 198 -1.25 -14.37 24.47
CA GLY B 198 -1.42 -12.91 24.37
C GLY B 198 -2.29 -12.59 23.19
N GLY B 199 -3.03 -11.48 23.26
CA GLY B 199 -3.87 -11.02 22.15
C GLY B 199 -3.28 -9.81 21.43
N GLY B 200 -2.05 -9.41 21.76
CA GLY B 200 -1.37 -8.22 21.19
C GLY B 200 -0.73 -8.52 19.84
N PHE B 201 -0.09 -7.53 19.21
CA PHE B 201 0.43 -7.68 17.83
C PHE B 201 1.48 -8.81 17.78
N ILE B 202 2.30 -8.97 18.81
CA ILE B 202 3.43 -9.95 18.76
C ILE B 202 2.88 -11.38 18.74
N SER B 203 1.90 -11.69 19.62
CA SER B 203 1.20 -13.00 19.62
C SER B 203 0.57 -13.25 18.25
N VAL B 204 -0.17 -12.27 17.74
CA VAL B 204 -0.94 -12.46 16.49
C VAL B 204 0.05 -12.63 15.31
N GLU B 205 1.12 -11.85 15.30
CA GLU B 205 2.06 -11.85 14.16
C GLU B 205 2.78 -13.20 14.17
N PHE B 206 3.28 -13.61 15.33
CA PHE B 206 3.96 -14.93 15.47
C PHE B 206 2.98 -16.08 15.22
N ALA B 207 1.71 -15.97 15.55
CA ALA B 207 0.76 -17.05 15.26
C ALA B 207 0.67 -17.21 13.75
N GLY B 208 0.68 -16.10 13.00
CA GLY B 208 0.71 -16.15 11.53
C GLY B 208 1.97 -16.83 11.01
N ILE B 209 3.12 -16.48 11.60
CA ILE B 209 4.45 -16.99 11.15
C ILE B 209 4.49 -18.50 11.33
N PHE B 210 4.27 -18.97 12.55
CA PHE B 210 4.22 -20.41 12.93
C PHE B 210 3.16 -21.14 12.12
N ASN B 211 2.03 -20.50 11.81
CA ASN B 211 0.95 -21.18 11.07
C ASN B 211 1.44 -21.55 9.66
N ALA B 212 2.26 -20.70 9.02
CA ALA B 212 2.74 -20.94 7.64
C ALA B 212 3.82 -22.03 7.64
N TYR B 213 4.73 -22.04 8.62
CA TYR B 213 5.94 -22.90 8.59
C TYR B 213 5.74 -24.20 9.39
N LYS B 214 4.56 -24.41 9.97
CA LYS B 214 4.37 -25.62 10.84
C LYS B 214 4.52 -26.87 9.98
N PRO B 215 5.16 -27.93 10.49
CA PRO B 215 5.28 -29.18 9.75
C PRO B 215 3.89 -29.78 9.55
N PRO B 216 3.73 -30.76 8.64
CA PRO B 216 2.42 -31.36 8.35
C PRO B 216 1.73 -31.88 9.63
N GLY B 217 0.39 -31.85 9.64
CA GLY B 217 -0.45 -32.11 10.82
C GLY B 217 -0.14 -31.18 11.97
N GLY B 218 0.40 -29.99 11.70
CA GLY B 218 0.75 -29.04 12.76
C GLY B 218 -0.47 -28.24 13.17
N LYS B 219 -0.39 -27.53 14.28
CA LYS B 219 -1.52 -26.70 14.79
C LYS B 219 -0.96 -25.52 15.60
N VAL B 220 -1.43 -24.31 15.28
CA VAL B 220 -1.15 -23.06 16.06
C VAL B 220 -2.40 -22.69 16.85
N THR B 221 -2.20 -22.51 18.15
CA THR B 221 -3.20 -22.01 19.10
C THR B 221 -2.71 -20.68 19.69
N LEU B 222 -3.60 -19.70 19.70
CA LEU B 222 -3.44 -18.39 20.38
C LEU B 222 -4.48 -18.29 21.49
N CYS B 223 -4.05 -17.94 22.68
CA CYS B 223 -4.94 -17.75 23.83
C CYS B 223 -4.79 -16.30 24.33
N TYR B 224 -5.89 -15.80 24.86
CA TYR B 224 -6.06 -14.42 25.33
C TYR B 224 -7.05 -14.40 26.48
N ARG B 225 -6.67 -13.76 27.58
CA ARG B 225 -7.51 -13.63 28.81
C ARG B 225 -8.83 -12.97 28.47
N ASN B 226 -8.83 -11.96 27.61
CA ASN B 226 -10.05 -11.17 27.32
C ASN B 226 -10.81 -11.86 26.19
N ASN B 227 -11.93 -11.26 25.82
CA ASN B 227 -12.99 -11.80 24.96
C ASN B 227 -12.63 -11.64 23.47
N LEU B 228 -11.77 -10.70 23.10
CA LEU B 228 -11.55 -10.31 21.69
C LEU B 228 -10.10 -9.81 21.57
N ILE B 229 -9.31 -10.41 20.69
CA ILE B 229 -7.86 -10.07 20.56
C ILE B 229 -7.71 -8.61 20.18
N LEU B 230 -6.49 -8.11 20.28
CA LEU B 230 -6.02 -6.82 19.76
C LEU B 230 -6.82 -5.66 20.37
N ARG B 231 -6.92 -5.63 21.70
N ARG B 231 -6.89 -5.62 21.71
CA ARG B 231 -7.45 -4.44 22.43
CA ARG B 231 -7.35 -4.44 22.50
C ARG B 231 -6.66 -3.21 21.96
C ARG B 231 -6.63 -3.20 21.96
N GLY B 232 -7.35 -2.08 21.82
CA GLY B 232 -6.75 -0.81 21.37
C GLY B 232 -7.01 -0.59 19.88
N PHE B 233 -7.27 -1.68 19.15
CA PHE B 233 -7.58 -1.63 17.70
C PHE B 233 -9.09 -1.48 17.53
N ASP B 234 -9.48 -1.00 16.36
CA ASP B 234 -10.87 -0.87 15.93
C ASP B 234 -11.61 -2.20 16.13
N GLU B 235 -12.85 -2.14 16.64
CA GLU B 235 -13.54 -3.35 17.12
C GLU B 235 -13.93 -4.23 15.93
N THR B 236 -14.34 -3.63 14.81
CA THR B 236 -14.70 -4.39 13.57
C THR B 236 -13.46 -5.14 13.09
N ILE B 237 -12.32 -4.46 13.10
CA ILE B 237 -11.04 -5.07 12.68
C ILE B 237 -10.67 -6.21 13.62
N ARG B 238 -10.85 -6.03 14.93
CA ARG B 238 -10.57 -7.10 15.94
C ARG B 238 -11.37 -8.36 15.65
N GLU B 239 -12.65 -8.20 15.32
CA GLU B 239 -13.59 -9.32 15.03
C GLU B 239 -13.19 -9.96 13.70
N GLU B 240 -12.86 -9.15 12.69
CA GLU B 240 -12.49 -9.68 11.35
C GLU B 240 -11.16 -10.41 11.43
N VAL B 241 -10.15 -9.81 12.06
CA VAL B 241 -8.83 -10.48 12.12
C VAL B 241 -9.01 -11.81 12.85
N THR B 242 -9.77 -11.87 13.95
CA THR B 242 -10.13 -13.15 14.64
C THR B 242 -10.68 -14.17 13.63
N LYS B 243 -11.68 -13.79 12.84
CA LYS B 243 -12.28 -14.68 11.82
C LYS B 243 -11.23 -15.13 10.81
N GLN B 244 -10.35 -14.23 10.37
CA GLN B 244 -9.49 -14.49 9.20
C GLN B 244 -8.34 -15.39 9.66
N LEU B 245 -7.86 -15.20 10.89
CA LEU B 245 -6.89 -16.12 11.53
C LEU B 245 -7.55 -17.50 11.60
N THR B 246 -8.79 -17.56 12.09
CA THR B 246 -9.50 -18.84 12.29
C THR B 246 -9.59 -19.52 10.93
N ALA B 247 -9.97 -18.77 9.90
CA ALA B 247 -10.19 -19.35 8.55
C ALA B 247 -8.90 -19.93 7.99
N ASN B 248 -7.74 -19.47 8.44
CA ASN B 248 -6.42 -19.95 7.97
C ASN B 248 -5.87 -21.02 8.91
N GLY B 249 -6.69 -21.53 9.84
CA GLY B 249 -6.38 -22.74 10.62
C GLY B 249 -5.78 -22.45 11.98
N ILE B 250 -5.79 -21.20 12.43
CA ILE B 250 -5.30 -20.83 13.78
C ILE B 250 -6.47 -20.99 14.75
N GLU B 251 -6.24 -21.68 15.87
CA GLU B 251 -7.23 -21.87 16.97
C GLU B 251 -7.09 -20.69 17.94
N ILE B 252 -8.06 -19.79 17.95
CA ILE B 252 -8.13 -18.63 18.88
C ILE B 252 -8.91 -19.04 20.12
N MET B 253 -8.24 -19.16 21.28
CA MET B 253 -8.87 -19.44 22.60
C MET B 253 -8.98 -18.15 23.42
N THR B 254 -10.10 -17.44 23.35
CA THR B 254 -10.32 -16.18 24.13
C THR B 254 -10.91 -16.57 25.49
N ASN B 255 -10.78 -15.70 26.49
CA ASN B 255 -11.10 -15.96 27.91
C ASN B 255 -10.29 -17.16 28.42
N GLU B 256 -9.05 -17.32 28.00
CA GLU B 256 -8.19 -18.43 28.46
C GLU B 256 -6.81 -17.87 28.80
N ASN B 257 -6.17 -18.44 29.82
CA ASN B 257 -4.83 -18.00 30.24
C ASN B 257 -4.12 -19.17 30.91
N PRO B 258 -2.81 -19.44 30.59
CA PRO B 258 -2.09 -20.54 31.24
C PRO B 258 -2.00 -20.33 32.76
N ALA B 259 -2.36 -21.37 33.52
CA ALA B 259 -2.20 -21.47 34.98
C ALA B 259 -0.81 -22.05 35.30
N LYS B 260 -0.35 -23.03 34.50
CA LYS B 260 1.00 -23.65 34.66
C LYS B 260 1.39 -24.52 33.45
N VAL B 261 2.67 -24.85 33.41
CA VAL B 261 3.27 -25.69 32.34
C VAL B 261 4.12 -26.77 33.00
N SER B 262 3.93 -28.00 32.56
CA SER B 262 4.80 -29.14 32.95
C SER B 262 5.30 -29.78 31.64
N LEU B 263 6.46 -30.45 31.71
CA LEU B 263 6.98 -31.27 30.58
C LEU B 263 6.30 -32.64 30.59
N ASN B 264 5.60 -33.00 29.51
CA ASN B 264 5.24 -34.40 29.19
C ASN B 264 6.54 -35.22 29.14
N THR B 265 6.43 -36.55 29.08
CA THR B 265 7.59 -37.49 29.17
C THR B 265 8.46 -37.32 27.93
N ASP B 266 7.85 -37.17 26.75
CA ASP B 266 8.56 -36.92 25.46
C ASP B 266 9.19 -35.51 25.42
N GLY B 267 8.99 -34.67 26.45
CA GLY B 267 9.61 -33.33 26.54
C GLY B 267 8.75 -32.21 25.94
N SER B 268 7.60 -32.53 25.34
CA SER B 268 6.58 -31.53 24.92
C SER B 268 6.03 -30.80 26.15
N LYS B 269 5.29 -29.71 25.96
CA LYS B 269 4.77 -28.90 27.09
C LYS B 269 3.29 -29.23 27.31
N HIS B 270 2.95 -29.61 28.54
CA HIS B 270 1.56 -29.84 28.99
C HIS B 270 1.05 -28.53 29.59
N VAL B 271 0.09 -27.90 28.94
CA VAL B 271 -0.41 -26.57 29.39
C VAL B 271 -1.71 -26.78 30.15
N THR B 272 -1.74 -26.28 31.39
CA THR B 272 -2.96 -26.17 32.23
C THR B 272 -3.43 -24.73 32.19
N PHE B 273 -4.57 -24.50 31.54
CA PHE B 273 -5.26 -23.19 31.47
C PHE B 273 -6.07 -22.97 32.75
N GLU B 274 -6.26 -21.72 33.14
CA GLU B 274 -6.99 -21.32 34.38
C GLU B 274 -8.36 -21.99 34.40
N SER B 275 -8.99 -22.18 33.24
CA SER B 275 -10.31 -22.83 33.06
C SER B 275 -10.22 -24.34 33.29
N GLY B 276 -9.10 -24.81 33.84
CA GLY B 276 -8.81 -26.24 33.99
C GLY B 276 -8.33 -26.89 32.71
N LYS B 277 -8.78 -26.42 31.53
CA LYS B 277 -8.47 -26.99 30.19
C LYS B 277 -6.97 -27.27 30.02
N THR B 278 -6.64 -28.15 29.07
CA THR B 278 -5.24 -28.61 28.81
C THR B 278 -4.97 -28.65 27.32
N LEU B 279 -3.70 -28.50 27.00
CA LEU B 279 -3.18 -28.43 25.62
C LEU B 279 -1.74 -28.94 25.67
N ASP B 280 -1.43 -29.86 24.77
CA ASP B 280 -0.04 -30.34 24.59
C ASP B 280 0.54 -29.60 23.37
N VAL B 281 1.63 -28.88 23.58
CA VAL B 281 2.33 -28.11 22.50
C VAL B 281 3.83 -28.36 22.61
N ASP B 282 4.54 -28.10 21.51
CA ASP B 282 6.03 -28.20 21.42
C ASP B 282 6.63 -26.89 21.91
N VAL B 283 5.92 -25.78 21.72
CA VAL B 283 6.40 -24.43 22.16
C VAL B 283 5.25 -23.68 22.83
N VAL B 284 5.56 -22.99 23.92
CA VAL B 284 4.69 -21.98 24.57
C VAL B 284 5.40 -20.65 24.44
N MET B 285 4.88 -19.76 23.59
CA MET B 285 5.49 -18.43 23.41
C MET B 285 4.65 -17.42 24.18
N MET B 286 5.21 -16.88 25.26
CA MET B 286 4.59 -15.80 26.07
C MET B 286 4.77 -14.44 25.37
N ALA B 287 3.66 -13.82 24.98
CA ALA B 287 3.65 -12.45 24.39
C ALA B 287 2.58 -11.62 25.09
N ILE B 288 2.72 -11.45 26.41
CA ILE B 288 1.64 -10.86 27.27
C ILE B 288 2.00 -9.43 27.60
N GLY B 289 3.21 -8.99 27.27
CA GLY B 289 3.57 -7.58 27.52
C GLY B 289 5.05 -7.38 27.47
N ARG B 290 5.43 -6.11 27.39
CA ARG B 290 6.84 -5.73 27.43
C ARG B 290 6.97 -4.66 28.50
N ILE B 291 8.01 -4.78 29.32
CA ILE B 291 8.23 -3.88 30.47
C ILE B 291 9.55 -3.15 30.25
N PRO B 292 9.61 -1.86 30.66
CA PRO B 292 10.81 -1.04 30.51
C PRO B 292 12.03 -1.69 31.20
N ARG B 293 13.22 -1.58 30.62
CA ARG B 293 14.44 -2.24 31.19
C ARG B 293 15.21 -1.22 32.02
N THR B 294 14.87 -1.13 33.30
CA THR B 294 15.45 -0.15 34.24
C THR B 294 16.17 -0.85 35.40
N ASN B 295 15.93 -2.13 35.62
CA ASN B 295 16.54 -2.93 36.72
C ASN B 295 18.05 -2.77 36.79
N ASP B 296 18.69 -2.92 35.63
CA ASP B 296 20.15 -3.08 35.51
C ASP B 296 20.82 -1.72 35.56
N LEU B 297 20.04 -0.64 35.50
CA LEU B 297 20.61 0.72 35.33
C LEU B 297 21.05 1.31 36.68
N GLN B 298 20.73 0.67 37.82
CA GLN B 298 21.09 1.17 39.17
C GLN B 298 20.68 2.63 39.30
N LEU B 299 19.45 2.97 38.91
CA LEU B 299 18.98 4.39 38.90
C LEU B 299 18.90 4.91 40.34
N GLY B 300 18.82 4.02 41.31
CA GLY B 300 18.96 4.34 42.75
C GLY B 300 20.23 5.13 43.06
N ASN B 301 21.31 5.00 42.28
CA ASN B 301 22.61 5.71 42.53
C ASN B 301 22.46 7.21 42.27
N VAL B 302 21.40 7.60 41.59
CA VAL B 302 21.26 9.02 41.18
C VAL B 302 19.84 9.49 41.48
N GLY B 303 18.91 8.60 41.82
CA GLY B 303 17.55 9.03 42.24
C GLY B 303 16.70 9.49 41.07
N VAL B 304 16.88 8.89 39.89
CA VAL B 304 15.97 9.08 38.73
C VAL B 304 14.60 8.49 39.08
N LYS B 305 13.56 9.28 38.90
CA LYS B 305 12.21 8.86 39.33
C LYS B 305 11.68 7.81 38.35
N LEU B 306 11.33 6.63 38.88
CA LEU B 306 10.59 5.58 38.13
C LEU B 306 9.10 5.61 38.48
N THR B 307 8.25 5.09 37.59
CA THR B 307 6.83 4.73 37.88
C THR B 307 6.83 3.38 38.60
N PRO B 308 5.76 3.03 39.36
CA PRO B 308 5.65 1.67 39.93
C PRO B 308 5.80 0.53 38.90
N LYS B 309 5.27 0.73 37.68
CA LYS B 309 5.54 -0.05 36.43
C LYS B 309 7.03 -0.38 36.28
N GLY B 310 7.92 0.60 36.50
CA GLY B 310 9.37 0.49 36.27
C GLY B 310 9.83 1.32 35.06
N GLY B 311 8.96 2.12 34.45
CA GLY B 311 9.35 3.05 33.39
C GLY B 311 10.04 4.27 33.97
N VAL B 312 10.86 4.95 33.19
CA VAL B 312 11.45 6.23 33.63
C VAL B 312 10.40 7.29 33.39
N GLN B 313 10.02 8.02 34.43
CA GLN B 313 9.11 9.16 34.29
C GLN B 313 9.82 10.28 33.54
N VAL B 314 9.14 10.87 32.57
CA VAL B 314 9.72 11.96 31.74
C VAL B 314 8.64 13.03 31.61
N ASP B 315 9.07 14.27 31.44
CA ASP B 315 8.19 15.35 30.95
C ASP B 315 8.03 15.12 29.43
N GLU B 316 7.36 16.06 28.74
CA GLU B 316 7.08 15.97 27.28
C GLU B 316 8.37 16.04 26.48
N PHE B 317 9.41 16.67 27.04
CA PHE B 317 10.75 16.83 26.41
C PHE B 317 11.69 15.68 26.82
N SER B 318 11.17 14.58 27.38
CA SER B 318 11.99 13.38 27.69
C SER B 318 13.02 13.68 28.81
N ARG B 319 12.72 14.64 29.68
CA ARG B 319 13.62 15.02 30.81
C ARG B 319 13.18 14.25 32.06
N THR B 320 14.12 13.59 32.72
CA THR B 320 13.87 12.94 34.03
C THR B 320 13.80 14.06 35.07
N ASN B 321 13.63 13.68 36.34
CA ASN B 321 13.66 14.63 37.50
C ASN B 321 15.10 15.05 37.76
N VAL B 322 16.07 14.35 37.17
CA VAL B 322 17.50 14.70 37.35
C VAL B 322 17.99 15.48 36.11
N PRO B 323 18.41 16.76 36.28
CA PRO B 323 18.91 17.56 35.17
C PRO B 323 20.07 16.84 34.47
N ASN B 324 20.16 16.90 33.13
CA ASN B 324 21.26 16.27 32.36
C ASN B 324 21.01 14.76 32.21
N ILE B 325 19.91 14.21 32.73
CA ILE B 325 19.59 12.77 32.49
C ILE B 325 18.19 12.72 31.87
N TYR B 326 18.11 12.06 30.72
CA TYR B 326 16.92 12.04 29.84
C TYR B 326 16.60 10.58 29.59
N ALA B 327 15.38 10.28 29.18
CA ALA B 327 15.00 8.94 28.71
C ALA B 327 14.07 9.07 27.51
N ILE B 328 14.29 8.22 26.52
CA ILE B 328 13.44 8.14 25.31
C ILE B 328 13.21 6.66 25.00
N GLY B 329 12.20 6.38 24.18
CA GLY B 329 11.90 5.01 23.74
C GLY B 329 11.09 4.25 24.75
N ASP B 330 11.14 2.94 24.64
CA ASP B 330 10.21 2.04 25.35
C ASP B 330 10.47 2.25 26.85
N ILE B 331 11.71 2.47 27.27
CA ILE B 331 12.04 2.66 28.72
C ILE B 331 11.06 3.68 29.35
N THR B 332 10.43 4.55 28.56
CA THR B 332 9.51 5.61 29.04
C THR B 332 8.07 5.11 29.01
N ASP B 333 7.83 3.94 28.42
CA ASP B 333 6.51 3.24 28.39
C ASP B 333 5.35 4.12 27.90
N ARG B 334 5.60 5.01 26.93
CA ARG B 334 4.55 5.84 26.28
C ARG B 334 3.99 5.07 25.07
N LEU B 335 4.72 5.04 23.95
CA LEU B 335 4.29 4.33 22.70
C LEU B 335 5.46 3.45 22.24
N MET B 336 5.33 2.14 22.32
CA MET B 336 6.50 1.27 22.04
C MET B 336 6.59 0.97 20.54
N LEU B 337 7.07 1.97 19.78
CA LEU B 337 7.31 1.89 18.32
C LEU B 337 8.68 2.49 18.00
N THR B 338 9.38 1.85 17.07
CA THR B 338 10.72 2.28 16.64
C THR B 338 10.65 3.75 16.19
N PRO B 339 9.74 4.14 15.29
CA PRO B 339 9.74 5.51 14.78
C PRO B 339 9.42 6.54 15.86
N VAL B 340 8.72 6.15 16.91
CA VAL B 340 8.47 7.06 18.06
C VAL B 340 9.75 7.24 18.87
N ALA B 341 10.41 6.14 19.21
CA ALA B 341 11.73 6.15 19.86
C ALA B 341 12.66 7.08 19.07
N ILE B 342 12.73 6.87 17.75
CA ILE B 342 13.62 7.68 16.86
C ILE B 342 13.18 9.14 16.97
N ASN B 343 11.89 9.40 16.88
CA ASN B 343 11.38 10.78 16.94
C ASN B 343 11.75 11.40 18.29
N GLU B 344 11.62 10.65 19.40
CA GLU B 344 11.90 11.17 20.76
C GLU B 344 13.40 11.55 20.84
N GLY B 345 14.26 10.68 20.32
CA GLY B 345 15.72 10.84 20.29
C GLY B 345 16.13 12.13 19.61
N ALA B 346 15.64 12.31 18.38
CA ALA B 346 15.91 13.52 17.57
C ALA B 346 15.41 14.76 18.32
N ALA B 347 14.20 14.68 18.91
CA ALA B 347 13.54 15.84 19.56
C ALA B 347 14.34 16.23 20.80
N LEU B 348 14.84 15.24 21.53
CA LEU B 348 15.64 15.45 22.75
C LEU B 348 16.90 16.23 22.38
N VAL B 349 17.64 15.72 21.39
CA VAL B 349 18.97 16.27 20.98
C VAL B 349 18.78 17.70 20.45
N ASP B 350 17.75 17.93 19.64
CA ASP B 350 17.40 19.29 19.14
C ASP B 350 17.14 20.23 20.33
N THR B 351 16.41 19.75 21.34
CA THR B 351 16.03 20.56 22.52
C THR B 351 17.30 20.92 23.29
N VAL B 352 18.07 19.91 23.66
CA VAL B 352 19.22 20.01 24.60
C VAL B 352 20.41 20.67 23.90
N PHE B 353 20.87 20.15 22.76
CA PHE B 353 22.11 20.60 22.08
C PHE B 353 21.82 21.63 20.99
N GLY B 354 20.56 21.76 20.54
CA GLY B 354 20.20 22.73 19.49
C GLY B 354 19.51 23.99 20.02
N ASN B 355 19.08 24.03 21.29
CA ASN B 355 18.14 25.08 21.80
C ASN B 355 17.03 25.29 20.77
N LYS B 356 16.51 24.17 20.23
CA LYS B 356 15.39 24.12 19.28
C LYS B 356 14.34 23.26 19.97
N PRO B 357 13.50 23.88 20.83
CA PRO B 357 12.66 23.13 21.75
C PRO B 357 11.64 22.32 20.94
N ARG B 358 11.64 21.01 21.12
CA ARG B 358 10.73 20.11 20.35
C ARG B 358 10.35 18.90 21.19
N LYS B 359 9.06 18.54 21.13
CA LYS B 359 8.49 17.37 21.82
C LYS B 359 7.79 16.49 20.79
N THR B 360 7.88 15.18 20.97
CA THR B 360 7.23 14.18 20.10
C THR B 360 5.71 14.26 20.32
N ASP B 361 4.96 14.35 19.23
CA ASP B 361 3.48 14.22 19.28
C ASP B 361 3.18 12.72 19.28
N HIS B 362 2.65 12.20 20.39
CA HIS B 362 2.31 10.75 20.52
C HIS B 362 0.86 10.51 20.03
N THR B 363 0.19 11.53 19.52
CA THR B 363 -1.16 11.37 18.91
C THR B 363 -0.99 11.15 17.40
N ARG B 364 -1.98 10.51 16.79
CA ARG B 364 -2.13 10.40 15.31
C ARG B 364 -0.90 9.74 14.68
N VAL B 365 -0.33 8.80 15.41
CA VAL B 365 0.84 8.00 14.97
C VAL B 365 0.27 6.81 14.22
N ALA B 366 0.60 6.73 12.95
CA ALA B 366 0.29 5.58 12.09
C ALA B 366 1.10 4.39 12.59
N SER B 367 0.45 3.23 12.69
CA SER B 367 1.09 1.96 13.05
C SER B 367 0.45 0.82 12.28
N ALA B 368 1.04 -0.35 12.36
CA ALA B 368 0.59 -1.53 11.62
C ALA B 368 0.65 -2.76 12.52
N VAL B 369 -0.15 -3.75 12.17
CA VAL B 369 0.05 -5.13 12.66
C VAL B 369 0.26 -5.99 11.43
N PHE B 370 1.36 -6.73 11.38
CA PHE B 370 1.68 -7.61 10.24
C PHE B 370 1.07 -8.97 10.53
N SER B 371 -0.23 -8.92 10.80
CA SER B 371 -1.12 -10.09 10.78
C SER B 371 -1.28 -10.46 9.32
N ILE B 372 -1.89 -11.59 9.09
CA ILE B 372 -2.25 -12.06 7.74
C ILE B 372 -3.77 -12.21 7.78
N PRO B 373 -4.53 -11.31 7.12
CA PRO B 373 -3.99 -10.10 6.49
C PRO B 373 -3.67 -9.00 7.50
N PRO B 374 -2.94 -7.95 7.10
CA PRO B 374 -2.46 -6.94 8.04
C PRO B 374 -3.42 -5.78 8.36
N ILE B 375 -3.06 -5.03 9.39
CA ILE B 375 -3.81 -3.86 9.91
C ILE B 375 -2.95 -2.64 9.70
N GLY B 376 -3.58 -1.54 9.31
CA GLY B 376 -2.95 -0.21 9.35
C GLY B 376 -3.89 0.70 10.03
N THR B 377 -3.41 1.51 10.94
CA THR B 377 -4.30 2.37 11.76
C THR B 377 -3.58 3.68 12.05
N CYS B 378 -4.34 4.76 12.22
CA CYS B 378 -3.82 6.07 12.65
C CYS B 378 -4.96 6.80 13.37
N GLY B 379 -4.74 7.23 14.62
CA GLY B 379 -5.68 8.04 15.39
C GLY B 379 -6.64 7.19 16.19
N LEU B 380 -7.82 7.73 16.52
CA LEU B 380 -8.70 7.21 17.59
C LEU B 380 -9.64 6.15 17.02
N ILE B 381 -9.91 5.11 17.78
CA ILE B 381 -11.07 4.20 17.53
C ILE B 381 -12.34 4.94 17.95
N GLU B 382 -13.48 4.49 17.47
CA GLU B 382 -14.74 5.24 17.64
C GLU B 382 -15.12 5.33 19.13
N GLU B 383 -14.98 4.25 19.89
CA GLU B 383 -15.35 4.16 21.33
C GLU B 383 -14.63 5.26 22.10
N VAL B 384 -13.37 5.51 21.75
CA VAL B 384 -12.54 6.55 22.42
C VAL B 384 -13.07 7.91 21.94
N ALA B 385 -13.18 8.11 20.62
CA ALA B 385 -13.64 9.41 20.06
C ALA B 385 -15.00 9.77 20.68
N ALA B 386 -15.84 8.78 20.89
CA ALA B 386 -17.25 8.92 21.34
C ALA B 386 -17.32 9.49 22.77
N LYS B 387 -16.29 9.26 23.60
CA LYS B 387 -16.25 9.76 24.99
C LYS B 387 -15.73 11.20 25.01
N GLU B 388 -15.06 11.66 23.94
CA GLU B 388 -14.38 12.97 23.90
C GLU B 388 -15.06 13.92 22.92
N PHE B 389 -16.03 13.47 22.13
CA PHE B 389 -16.73 14.31 21.12
C PHE B 389 -18.23 14.04 21.16
N GLU B 390 -19.00 15.14 21.15
CA GLU B 390 -20.48 15.10 21.26
C GLU B 390 -21.05 14.23 20.13
N LYS B 391 -20.59 14.46 18.90
CA LYS B 391 -21.09 13.75 17.70
C LYS B 391 -19.89 13.14 16.95
N VAL B 392 -19.91 11.83 16.80
CA VAL B 392 -18.87 11.07 16.05
C VAL B 392 -19.57 10.37 14.89
N ALA B 393 -19.06 10.52 13.66
CA ALA B 393 -19.50 9.76 12.48
C ALA B 393 -18.49 8.64 12.19
N VAL B 394 -19.00 7.47 11.81
CA VAL B 394 -18.18 6.35 11.28
C VAL B 394 -18.53 6.13 9.81
N TYR B 395 -17.55 6.28 8.91
CA TYR B 395 -17.68 5.87 7.49
C TYR B 395 -17.02 4.51 7.35
N MET B 396 -17.76 3.51 6.90
CA MET B 396 -17.24 2.13 6.87
C MET B 396 -17.52 1.51 5.51
N SER B 397 -16.52 0.82 4.98
CA SER B 397 -16.59 -0.01 3.75
C SER B 397 -15.96 -1.35 4.07
N SER B 398 -16.74 -2.43 3.96
CA SER B 398 -16.29 -3.78 4.32
C SER B 398 -16.80 -4.75 3.26
N PHE B 399 -15.93 -5.51 2.64
CA PHE B 399 -16.28 -6.37 1.47
C PHE B 399 -15.10 -7.30 1.18
N THR B 400 -15.37 -8.47 0.62
CA THR B 400 -14.35 -9.35 -0.01
C THR B 400 -13.91 -8.68 -1.28
N PRO B 401 -12.63 -8.27 -1.40
CA PRO B 401 -12.12 -7.78 -2.67
C PRO B 401 -12.36 -8.82 -3.77
N LEU B 402 -12.56 -8.35 -4.98
CA LEU B 402 -12.80 -9.21 -6.16
C LEU B 402 -11.71 -10.27 -6.29
N MET B 403 -10.42 -9.89 -6.14
CA MET B 403 -9.30 -10.82 -6.38
C MET B 403 -9.39 -12.01 -5.40
N HIS B 404 -10.05 -11.82 -4.25
CA HIS B 404 -10.16 -12.89 -3.22
C HIS B 404 -11.40 -13.76 -3.46
N ASN B 405 -12.33 -13.32 -4.30
CA ASN B 405 -13.36 -14.24 -4.88
C ASN B 405 -12.64 -15.27 -5.75
N ILE B 406 -11.76 -14.82 -6.63
CA ILE B 406 -10.97 -15.69 -7.56
C ILE B 406 -9.92 -16.50 -6.78
N SER B 407 -9.22 -15.91 -5.81
CA SER B 407 -8.12 -16.59 -5.09
C SER B 407 -8.67 -17.78 -4.32
N GLY B 408 -9.94 -17.73 -3.90
CA GLY B 408 -10.56 -18.72 -3.01
C GLY B 408 -10.50 -18.29 -1.55
N SER B 409 -9.81 -17.20 -1.21
CA SER B 409 -9.78 -16.63 0.16
C SER B 409 -10.97 -15.67 0.39
N LYS B 410 -12.21 -16.16 0.30
CA LYS B 410 -13.43 -15.30 0.31
C LYS B 410 -13.64 -14.73 1.72
N TYR B 411 -12.99 -15.32 2.72
CA TYR B 411 -12.99 -14.84 4.13
C TYR B 411 -12.19 -13.54 4.29
N LYS B 412 -11.39 -13.14 3.31
CA LYS B 412 -10.45 -12.01 3.47
C LYS B 412 -11.21 -10.69 3.21
N LYS B 413 -12.05 -10.29 4.15
CA LYS B 413 -12.84 -9.04 4.10
C LYS B 413 -11.86 -7.90 4.31
N PHE B 414 -11.79 -7.00 3.35
CA PHE B 414 -11.11 -5.70 3.53
C PHE B 414 -12.02 -4.84 4.40
N VAL B 415 -11.47 -4.13 5.37
CA VAL B 415 -12.23 -3.16 6.20
C VAL B 415 -11.52 -1.82 6.07
N ALA B 416 -12.24 -0.78 5.67
CA ALA B 416 -11.78 0.62 5.80
C ALA B 416 -12.80 1.40 6.64
N LYS B 417 -12.32 2.08 7.68
CA LYS B 417 -13.20 2.89 8.55
C LYS B 417 -12.53 4.24 8.82
N ILE B 418 -13.27 5.31 8.58
CA ILE B 418 -12.89 6.68 8.96
C ILE B 418 -13.83 7.12 10.09
N VAL B 419 -13.24 7.57 11.19
CA VAL B 419 -13.96 8.12 12.38
C VAL B 419 -13.78 9.63 12.32
N THR B 420 -14.88 10.41 12.38
CA THR B 420 -14.79 11.89 12.33
C THR B 420 -15.42 12.52 13.56
N ASN B 421 -14.98 13.72 13.85
CA ASN B 421 -15.76 14.72 14.61
C ASN B 421 -16.85 15.21 13.66
N HIS B 422 -18.06 14.66 13.75
CA HIS B 422 -19.20 14.99 12.85
C HIS B 422 -19.62 16.46 12.91
N SER B 423 -19.28 17.19 13.99
CA SER B 423 -19.54 18.65 14.10
C SER B 423 -18.77 19.41 13.03
N ASP B 424 -17.52 19.05 12.71
CA ASP B 424 -16.74 19.79 11.67
C ASP B 424 -16.16 18.87 10.58
N GLY B 425 -16.28 17.54 10.69
CA GLY B 425 -15.81 16.59 9.66
C GLY B 425 -14.34 16.20 9.82
N THR B 426 -13.67 16.69 10.87
CA THR B 426 -12.23 16.42 11.13
C THR B 426 -12.05 14.93 11.34
N VAL B 427 -11.15 14.32 10.57
CA VAL B 427 -10.83 12.87 10.74
C VAL B 427 -10.05 12.69 12.06
N LEU B 428 -10.58 11.87 12.95
CA LEU B 428 -10.00 11.49 14.27
C LEU B 428 -9.22 10.17 14.17
N GLY B 429 -9.58 9.31 13.23
CA GLY B 429 -9.08 7.93 13.13
C GLY B 429 -9.41 7.30 11.79
N VAL B 430 -8.44 6.53 11.27
CA VAL B 430 -8.58 5.72 10.03
C VAL B 430 -8.08 4.31 10.37
N HIS B 431 -8.84 3.29 10.07
CA HIS B 431 -8.55 1.90 10.52
C HIS B 431 -8.74 1.00 9.31
N LEU B 432 -7.69 0.27 8.92
CA LEU B 432 -7.68 -0.57 7.71
C LEU B 432 -7.30 -2.00 8.08
N LEU B 433 -8.01 -2.95 7.48
CA LEU B 433 -7.61 -4.36 7.54
C LEU B 433 -7.62 -4.88 6.11
N GLY B 434 -6.52 -5.51 5.69
CA GLY B 434 -6.41 -6.21 4.41
C GLY B 434 -5.07 -5.92 3.76
N ASP B 435 -4.74 -6.69 2.72
CA ASP B 435 -3.49 -6.55 1.94
C ASP B 435 -3.24 -5.05 1.71
N GLY B 436 -2.04 -4.57 1.99
CA GLY B 436 -1.60 -3.19 1.71
C GLY B 436 -1.83 -2.23 2.86
N ALA B 437 -2.62 -2.60 3.85
CA ALA B 437 -3.10 -1.66 4.89
C ALA B 437 -1.92 -0.88 5.50
N PRO B 438 -0.79 -1.51 5.90
CA PRO B 438 0.34 -0.76 6.47
C PRO B 438 0.96 0.30 5.52
N GLU B 439 0.90 0.04 4.22
CA GLU B 439 1.41 0.90 3.12
C GLU B 439 0.40 2.04 2.89
N ILE B 440 -0.89 1.74 2.98
CA ILE B 440 -1.96 2.75 2.73
C ILE B 440 -1.92 3.80 3.84
N ILE B 441 -1.70 3.38 5.08
CA ILE B 441 -1.99 4.23 6.27
C ILE B 441 -0.92 5.30 6.45
N GLN B 442 0.27 5.14 5.85
CA GLN B 442 1.41 6.05 6.09
C GLN B 442 1.02 7.47 5.72
N ALA B 443 0.58 7.67 4.47
CA ALA B 443 0.26 9.02 3.98
C ALA B 443 -1.01 9.50 4.71
N VAL B 444 -1.80 8.59 5.29
CA VAL B 444 -2.97 8.98 6.12
C VAL B 444 -2.47 9.70 7.37
N GLY B 445 -1.34 9.26 7.93
CA GLY B 445 -0.69 9.95 9.05
C GLY B 445 -0.40 11.39 8.69
N VAL B 446 0.02 11.64 7.45
CA VAL B 446 0.33 13.04 7.01
C VAL B 446 -1.00 13.80 6.93
N CYS B 447 -2.08 13.14 6.49
CA CYS B 447 -3.42 13.78 6.36
C CYS B 447 -3.90 14.29 7.73
N LEU B 448 -3.74 13.46 8.76
CA LEU B 448 -4.24 13.74 10.13
C LEU B 448 -3.39 14.85 10.76
N ARG B 449 -2.12 14.92 10.44
CA ARG B 449 -1.26 16.04 10.85
C ARG B 449 -1.81 17.33 10.23
N LEU B 450 -2.39 17.26 9.02
CA LEU B 450 -2.92 18.44 8.30
C LEU B 450 -4.40 18.66 8.58
N ASN B 451 -4.96 18.06 9.63
CA ASN B 451 -6.36 18.29 10.08
C ASN B 451 -7.30 17.98 8.90
N ALA B 452 -7.03 16.91 8.15
CA ALA B 452 -7.91 16.45 7.06
C ALA B 452 -9.31 16.25 7.62
N LYS B 453 -10.30 16.62 6.81
CA LYS B 453 -11.74 16.33 7.03
C LYS B 453 -12.17 15.23 6.04
N ILE B 454 -13.31 14.62 6.31
CA ILE B 454 -13.86 13.53 5.45
C ILE B 454 -14.06 14.10 4.04
N SER B 455 -14.44 15.37 3.93
CA SER B 455 -14.61 16.03 2.61
C SER B 455 -13.27 16.09 1.85
N ASP B 456 -12.14 16.23 2.54
CA ASP B 456 -10.81 16.19 1.87
C ASP B 456 -10.54 14.80 1.29
N PHE B 457 -10.95 13.76 2.01
CA PHE B 457 -10.87 12.36 1.50
C PHE B 457 -11.79 12.13 0.29
N TYR B 458 -13.09 12.43 0.39
N TYR B 458 -13.08 12.42 0.42
CA TYR B 458 -14.05 12.03 -0.69
CA TYR B 458 -14.09 12.09 -0.63
C TYR B 458 -13.96 12.97 -1.88
C TYR B 458 -13.79 12.90 -1.89
N ASN B 459 -13.36 14.15 -1.74
CA ASN B 459 -13.12 15.06 -2.90
C ASN B 459 -11.80 14.72 -3.58
N THR B 460 -10.93 13.95 -2.92
CA THR B 460 -9.74 13.42 -3.62
C THR B 460 -10.17 12.35 -4.63
N ILE B 461 -9.53 12.36 -5.77
CA ILE B 461 -9.80 11.38 -6.85
C ILE B 461 -9.10 10.05 -6.53
N GLY B 462 -9.90 8.97 -6.54
CA GLY B 462 -9.44 7.61 -6.29
C GLY B 462 -8.36 7.20 -7.27
N VAL B 463 -7.45 6.33 -6.83
CA VAL B 463 -6.58 5.49 -7.71
C VAL B 463 -7.29 4.17 -7.85
N HIS B 464 -7.51 3.72 -9.06
CA HIS B 464 -8.37 2.53 -9.31
C HIS B 464 -7.67 1.61 -10.28
N PRO B 465 -7.70 0.29 -10.04
CA PRO B 465 -8.31 -0.28 -8.83
C PRO B 465 -7.30 -0.49 -7.69
N THR B 466 -7.68 -0.04 -6.50
CA THR B 466 -6.88 -0.20 -5.27
C THR B 466 -7.83 -0.51 -4.10
N SER B 467 -7.29 -1.08 -3.04
CA SER B 467 -7.99 -1.06 -1.73
C SER B 467 -8.07 0.38 -1.20
N ALA B 468 -7.02 1.20 -1.38
CA ALA B 468 -6.92 2.54 -0.76
C ALA B 468 -8.06 3.44 -1.22
N GLU B 469 -8.53 3.31 -2.45
CA GLU B 469 -9.57 4.23 -3.00
C GLU B 469 -10.83 4.11 -2.13
N GLU B 470 -11.01 3.06 -1.33
CA GLU B 470 -12.14 2.98 -0.38
C GLU B 470 -12.17 4.28 0.43
N LEU B 471 -11.00 4.81 0.78
CA LEU B 471 -10.90 5.99 1.69
C LEU B 471 -11.49 7.24 1.05
N CYS B 472 -11.55 7.30 -0.29
CA CYS B 472 -11.86 8.50 -1.09
C CYS B 472 -13.23 8.36 -1.79
N SER B 473 -13.99 7.33 -1.40
CA SER B 473 -15.28 6.94 -2.02
C SER B 473 -16.41 6.94 -0.99
N MET B 474 -16.17 7.41 0.25
CA MET B 474 -17.15 7.41 1.36
C MET B 474 -17.66 8.83 1.57
N ARG B 475 -18.91 9.06 1.19
CA ARG B 475 -19.67 10.34 1.15
C ARG B 475 -20.51 10.49 2.43
N THR B 476 -21.01 9.36 2.97
CA THR B 476 -22.17 9.25 3.89
C THR B 476 -21.84 8.35 5.07
N PRO B 477 -22.02 8.83 6.34
CA PRO B 477 -21.78 7.98 7.50
C PRO B 477 -22.54 6.65 7.43
N SER B 478 -21.95 5.59 8.00
CA SER B 478 -22.56 4.25 8.20
C SER B 478 -23.37 4.27 9.51
N TYR B 479 -22.89 4.99 10.52
CA TYR B 479 -23.59 5.20 11.82
C TYR B 479 -22.93 6.36 12.58
N TYR B 480 -23.41 6.63 13.79
CA TYR B 480 -22.95 7.76 14.62
C TYR B 480 -22.82 7.32 16.08
N TYR B 481 -22.05 8.09 16.83
CA TYR B 481 -22.14 8.23 18.30
C TYR B 481 -22.52 9.68 18.61
N VAL B 482 -23.59 9.80 19.38
CA VAL B 482 -24.11 11.11 19.87
C VAL B 482 -24.05 11.01 21.39
N LYS B 483 -23.26 11.88 22.03
CA LYS B 483 -23.00 11.91 23.50
C LYS B 483 -22.69 10.49 23.99
N GLY B 484 -21.81 9.75 23.29
CA GLY B 484 -21.32 8.41 23.69
C GLY B 484 -22.24 7.27 23.27
N GLU B 485 -23.39 7.56 22.66
CA GLU B 485 -24.40 6.51 22.31
C GLU B 485 -24.44 6.33 20.79
N LYS B 486 -24.28 5.07 20.38
CA LYS B 486 -24.29 4.64 18.96
C LYS B 486 -25.73 4.70 18.41
N MET B 487 -25.92 5.41 17.29
CA MET B 487 -27.21 5.54 16.58
C MET B 487 -27.02 5.09 15.13
N GLU B 488 -27.60 3.96 14.71
CA GLU B 488 -27.57 3.80 13.23
C GLU B 488 -28.43 4.91 12.59
#